data_1T3O
#
_entry.id   1T3O
#
_entity_poly.entity_id   1
_entity_poly.type   'polypeptide(L)'
_entity_poly.pdbx_seq_one_letter_code
;MGHHHHHHHHHHSSGHIEGRHMLVLSRKINEAIQIGADIEVKVIAVEGDQVKLGIDAPKHIDIHRKEIYLTIQEENNRAA
ALSSDVISALSSQKK
;
_entity_poly.pdbx_strand_id   A
#
# COMPACT_ATOMS: atom_id res chain seq x y z
N HIS A 12 -2.95 25.81 -10.86
CA HIS A 12 -4.39 26.04 -11.14
C HIS A 12 -4.82 25.12 -12.26
N SER A 13 -5.88 24.34 -12.03
CA SER A 13 -6.19 23.21 -12.89
C SER A 13 -4.99 22.29 -12.91
N SER A 14 -4.91 21.45 -11.88
CA SER A 14 -3.69 20.69 -11.56
C SER A 14 -2.64 21.66 -10.99
N GLY A 15 -1.47 21.16 -10.66
CA GLY A 15 -0.49 21.97 -9.96
C GLY A 15 -0.80 22.02 -8.48
N HIS A 16 -1.67 21.11 -8.07
CA HIS A 16 -2.09 20.98 -6.70
C HIS A 16 -1.55 19.68 -6.12
N ILE A 17 -0.96 19.73 -4.94
CA ILE A 17 -0.43 18.54 -4.33
C ILE A 17 -1.54 17.68 -3.75
N GLU A 18 -1.72 16.50 -4.31
CA GLU A 18 -2.76 15.58 -3.87
C GLU A 18 -2.21 14.58 -2.90
N GLY A 19 -1.06 14.91 -2.37
CA GLY A 19 -0.52 14.16 -1.27
C GLY A 19 0.19 12.92 -1.70
N ARG A 20 0.41 12.06 -0.74
CA ARG A 20 0.99 10.75 -0.98
C ARG A 20 0.21 9.71 -0.21
N HIS A 21 0.44 8.44 -0.50
CA HIS A 21 -0.26 7.37 0.18
C HIS A 21 0.66 6.18 0.40
N MET A 22 0.56 5.61 1.58
CA MET A 22 1.23 4.36 1.88
C MET A 22 0.19 3.29 2.13
N LEU A 23 0.09 2.35 1.22
CA LEU A 23 -0.90 1.29 1.34
C LEU A 23 -0.22 0.04 1.84
N VAL A 24 -0.75 -0.50 2.92
CA VAL A 24 -0.17 -1.62 3.59
C VAL A 24 -0.53 -2.97 2.94
N LEU A 25 0.49 -3.75 2.68
CA LEU A 25 0.34 -5.10 2.17
C LEU A 25 0.75 -6.07 3.25
N SER A 26 -0.09 -7.00 3.60
CA SER A 26 0.27 -7.94 4.64
C SER A 26 0.92 -9.18 4.05
N ARG A 27 2.14 -9.41 4.48
CA ARG A 27 2.96 -10.48 3.98
C ARG A 27 3.82 -10.97 5.14
N LYS A 28 3.65 -12.22 5.51
CA LYS A 28 4.28 -12.74 6.72
C LYS A 28 5.56 -13.46 6.34
N ILE A 29 6.16 -12.97 5.27
CA ILE A 29 7.29 -13.62 4.64
C ILE A 29 8.51 -12.70 4.65
N ASN A 30 8.30 -11.46 5.11
CA ASN A 30 9.31 -10.39 5.09
C ASN A 30 10.07 -10.31 3.77
N GLU A 31 9.44 -10.80 2.70
CA GLU A 31 10.01 -10.73 1.37
C GLU A 31 9.86 -9.33 0.80
N ALA A 32 10.47 -9.09 -0.35
CA ALA A 32 10.42 -7.78 -0.98
C ALA A 32 9.56 -7.85 -2.23
N ILE A 33 8.80 -6.80 -2.48
CA ILE A 33 7.90 -6.80 -3.62
C ILE A 33 8.44 -5.87 -4.71
N GLN A 34 8.87 -6.47 -5.81
CA GLN A 34 9.35 -5.74 -6.97
C GLN A 34 8.43 -6.01 -8.14
N ILE A 35 7.52 -5.08 -8.42
CA ILE A 35 6.56 -5.28 -9.49
C ILE A 35 6.72 -4.26 -10.61
N GLY A 36 7.04 -4.79 -11.79
CA GLY A 36 7.05 -3.99 -13.02
C GLY A 36 8.03 -2.85 -13.00
N ALA A 37 9.01 -2.91 -12.10
CA ALA A 37 10.05 -1.89 -11.98
C ALA A 37 9.48 -0.51 -11.64
N ASP A 38 8.23 -0.47 -11.18
CA ASP A 38 7.62 0.78 -10.72
C ASP A 38 7.73 0.87 -9.21
N ILE A 39 7.27 -0.18 -8.55
CA ILE A 39 7.25 -0.22 -7.11
C ILE A 39 8.09 -1.38 -6.59
N GLU A 40 9.09 -1.05 -5.78
CA GLU A 40 9.91 -2.05 -5.11
C GLU A 40 10.23 -1.59 -3.69
N VAL A 41 9.85 -2.39 -2.70
CA VAL A 41 10.08 -2.03 -1.32
C VAL A 41 9.44 -3.08 -0.40
N LYS A 42 10.03 -3.25 0.77
CA LYS A 42 9.43 -4.00 1.84
C LYS A 42 9.54 -3.22 3.13
N VAL A 43 8.48 -2.51 3.49
CA VAL A 43 8.45 -1.80 4.74
C VAL A 43 7.77 -2.68 5.77
N ILE A 44 8.54 -3.26 6.65
CA ILE A 44 8.01 -4.23 7.59
C ILE A 44 7.56 -3.53 8.86
N ALA A 45 6.26 -3.61 9.11
CA ALA A 45 5.65 -2.92 10.21
C ALA A 45 4.88 -3.90 11.09
N VAL A 46 4.65 -3.51 12.33
CA VAL A 46 3.98 -4.36 13.29
C VAL A 46 2.47 -4.11 13.29
N GLU A 47 1.73 -5.11 12.86
CA GLU A 47 0.27 -5.05 12.83
C GLU A 47 -0.30 -5.77 14.05
N GLY A 48 0.25 -5.47 15.21
CA GLY A 48 -0.12 -6.19 16.41
C GLY A 48 0.58 -7.53 16.48
N ASP A 49 0.08 -8.48 15.71
CA ASP A 49 0.70 -9.80 15.66
C ASP A 49 0.86 -10.25 14.21
N GLN A 50 0.66 -9.33 13.30
CA GLN A 50 0.82 -9.59 11.88
C GLN A 50 1.95 -8.72 11.34
N VAL A 51 2.79 -9.28 10.49
CA VAL A 51 3.86 -8.50 9.90
C VAL A 51 3.52 -8.17 8.45
N LYS A 52 3.59 -6.90 8.15
CA LYS A 52 3.12 -6.43 6.88
C LYS A 52 4.10 -5.43 6.26
N LEU A 53 4.12 -5.38 4.94
CA LEU A 53 4.89 -4.36 4.22
C LEU A 53 3.94 -3.26 3.78
N GLY A 54 4.46 -2.14 3.33
CA GLY A 54 3.60 -1.16 2.73
C GLY A 54 4.29 -0.41 1.62
N ILE A 55 3.53 -0.02 0.59
CA ILE A 55 4.09 0.76 -0.50
C ILE A 55 3.65 2.22 -0.38
N ASP A 56 4.61 3.11 -0.38
CA ASP A 56 4.32 4.53 -0.36
C ASP A 56 4.79 5.16 -1.67
N ALA A 57 3.92 5.93 -2.28
CA ALA A 57 4.20 6.53 -3.56
C ALA A 57 3.85 8.01 -3.54
N PRO A 58 4.62 8.84 -4.26
CA PRO A 58 4.38 10.29 -4.37
C PRO A 58 3.13 10.63 -5.17
N LYS A 59 2.15 9.73 -5.12
CA LYS A 59 0.88 9.88 -5.81
C LYS A 59 1.08 9.92 -7.32
N HIS A 60 2.11 9.24 -7.78
CA HIS A 60 2.34 9.05 -9.20
C HIS A 60 1.20 8.23 -9.80
N ILE A 61 1.29 7.95 -11.08
CA ILE A 61 0.33 7.10 -11.75
C ILE A 61 0.81 5.67 -11.63
N ASP A 62 -0.12 4.74 -11.51
CA ASP A 62 0.26 3.36 -11.34
C ASP A 62 0.34 2.66 -12.68
N ILE A 63 1.57 2.38 -13.09
CA ILE A 63 1.83 1.73 -14.36
C ILE A 63 1.60 0.24 -14.23
N HIS A 64 0.97 -0.37 -15.22
CA HIS A 64 0.83 -1.82 -15.25
C HIS A 64 0.99 -2.28 -16.68
N ARG A 65 1.18 -3.57 -16.86
CA ARG A 65 1.13 -4.16 -18.17
C ARG A 65 -0.02 -5.16 -18.20
N LYS A 66 0.05 -6.15 -19.08
CA LYS A 66 -1.01 -7.15 -19.14
C LYS A 66 -1.20 -7.79 -17.77
N GLU A 67 -2.36 -7.54 -17.17
CA GLU A 67 -2.68 -7.92 -15.79
C GLU A 67 -1.95 -7.00 -14.81
N ILE A 68 -2.72 -6.32 -13.96
CA ILE A 68 -2.16 -5.36 -13.01
C ILE A 68 -1.13 -6.01 -12.11
N TYR A 69 0.05 -5.44 -12.08
CA TYR A 69 1.14 -6.01 -11.32
C TYR A 69 1.24 -5.42 -9.90
N LEU A 70 0.49 -4.35 -9.65
CA LEU A 70 0.56 -3.65 -8.36
C LEU A 70 -0.52 -4.13 -7.41
N THR A 71 -1.75 -3.71 -7.69
CA THR A 71 -2.93 -3.98 -6.85
C THR A 71 -2.76 -3.46 -5.41
N ILE A 72 -1.78 -2.58 -5.21
CA ILE A 72 -1.58 -1.97 -3.88
C ILE A 72 -2.16 -0.55 -3.86
N GLN A 73 -1.53 0.38 -4.57
CA GLN A 73 -2.00 1.76 -4.56
C GLN A 73 -3.20 1.93 -5.46
N GLU A 74 -3.38 1.01 -6.38
CA GLU A 74 -4.50 1.12 -7.29
C GLU A 74 -5.78 0.66 -6.61
N GLU A 75 -5.60 -0.03 -5.49
CA GLU A 75 -6.70 -0.36 -4.62
C GLU A 75 -6.94 0.79 -3.65
N ASN A 76 -5.87 1.52 -3.36
CA ASN A 76 -5.93 2.66 -2.45
C ASN A 76 -6.02 3.97 -3.23
N ASN A 77 -4.86 4.62 -3.43
CA ASN A 77 -4.75 5.84 -4.22
C ASN A 77 -5.48 7.01 -3.59
N ARG A 78 -6.00 6.80 -2.39
CA ARG A 78 -6.82 7.81 -1.73
C ARG A 78 -7.14 7.38 -0.30
N ALA A 79 -7.83 6.24 -0.14
CA ALA A 79 -8.21 5.77 1.19
C ALA A 79 -8.86 4.38 1.14
N ALA A 80 -8.04 3.37 0.91
CA ALA A 80 -8.50 1.99 0.99
C ALA A 80 -8.06 1.35 2.29
N ALA A 81 -8.69 0.24 2.66
CA ALA A 81 -8.32 -0.49 3.86
C ALA A 81 -8.13 -1.97 3.56
N LEU A 82 -6.88 -2.37 3.32
CA LEU A 82 -6.56 -3.76 3.02
C LEU A 82 -5.66 -4.34 4.10
N SER A 83 -5.89 -5.62 4.43
CA SER A 83 -5.03 -6.38 5.35
C SER A 83 -4.83 -5.63 6.67
N SER A 84 -5.90 -5.02 7.17
CA SER A 84 -5.85 -4.26 8.39
C SER A 84 -7.26 -3.91 8.84
N ASP A 85 -7.98 -3.23 7.95
CA ASP A 85 -9.32 -2.75 8.23
C ASP A 85 -9.33 -1.82 9.44
N VAL A 86 -9.17 -0.54 9.14
CA VAL A 86 -9.09 0.48 10.18
C VAL A 86 -10.37 0.53 11.01
N ILE A 87 -11.47 0.84 10.36
CA ILE A 87 -12.75 0.98 11.05
C ILE A 87 -13.91 0.39 10.25
N SER A 88 -13.74 0.31 8.92
CA SER A 88 -14.76 -0.20 8.02
C SER A 88 -16.11 0.52 8.21
N ALA A 89 -16.98 -0.04 9.04
CA ALA A 89 -18.26 0.56 9.33
C ALA A 89 -18.17 1.43 10.56
N LEU A 90 -18.64 2.68 10.42
CA LEU A 90 -18.63 3.66 11.51
C LEU A 90 -17.20 4.04 11.87
N SER A 91 -16.70 5.07 11.18
CA SER A 91 -15.31 5.46 11.31
C SER A 91 -15.04 6.16 12.63
N SER A 92 -16.10 6.48 13.36
CA SER A 92 -15.96 7.04 14.68
C SER A 92 -16.03 5.96 15.74
N GLN A 93 -16.73 4.86 15.39
CA GLN A 93 -16.99 3.76 16.32
C GLN A 93 -17.76 4.28 17.53
N LYS A 94 -19.07 4.01 17.57
CA LYS A 94 -19.92 4.61 18.59
C LYS A 94 -19.59 4.07 19.98
N LYS A 95 -18.97 4.91 20.78
CA LYS A 95 -18.58 4.55 22.13
C LYS A 95 -19.25 5.48 23.13
N HIS A 12 5.29 29.13 0.68
CA HIS A 12 4.18 29.96 0.18
C HIS A 12 3.71 29.45 -1.19
N SER A 13 4.64 28.90 -1.97
CA SER A 13 4.31 28.37 -3.29
C SER A 13 3.59 27.03 -3.18
N SER A 14 3.85 26.30 -2.08
CA SER A 14 3.24 25.00 -1.84
C SER A 14 3.66 24.01 -2.93
N GLY A 15 4.89 24.16 -3.41
CA GLY A 15 5.42 23.25 -4.40
C GLY A 15 5.89 21.97 -3.77
N HIS A 16 5.67 21.86 -2.47
CA HIS A 16 6.03 20.67 -1.72
C HIS A 16 4.89 19.66 -1.80
N ILE A 17 5.10 18.61 -2.59
CA ILE A 17 4.08 17.61 -2.76
C ILE A 17 4.19 16.55 -1.66
N GLU A 18 3.31 16.64 -0.68
CA GLU A 18 3.26 15.68 0.40
C GLU A 18 2.05 14.77 0.26
N GLY A 19 1.36 14.94 -0.86
CA GLY A 19 0.23 14.09 -1.17
C GLY A 19 0.68 12.72 -1.61
N ARG A 20 0.66 11.78 -0.70
CA ARG A 20 1.11 10.43 -0.99
C ARG A 20 0.08 9.42 -0.51
N HIS A 21 0.22 8.19 -0.96
CA HIS A 21 -0.66 7.12 -0.53
C HIS A 21 0.17 5.95 0.01
N MET A 22 -0.16 5.50 1.20
CA MET A 22 0.50 4.35 1.78
C MET A 22 -0.50 3.22 1.99
N LEU A 23 -0.36 2.18 1.19
CA LEU A 23 -1.25 1.04 1.30
C LEU A 23 -0.48 -0.11 1.95
N VAL A 24 -1.17 -0.97 2.67
CA VAL A 24 -0.52 -2.04 3.40
C VAL A 24 -0.90 -3.42 2.87
N LEU A 25 0.11 -4.25 2.62
CA LEU A 25 -0.10 -5.63 2.19
C LEU A 25 0.34 -6.57 3.32
N SER A 26 -0.53 -7.47 3.73
CA SER A 26 -0.22 -8.36 4.82
C SER A 26 0.47 -9.62 4.30
N ARG A 27 1.78 -9.72 4.54
CA ARG A 27 2.58 -10.83 4.06
C ARG A 27 3.67 -11.12 5.05
N LYS A 28 3.66 -12.33 5.57
CA LYS A 28 4.48 -12.69 6.71
C LYS A 28 5.78 -13.30 6.20
N ILE A 29 6.41 -12.52 5.34
CA ILE A 29 7.55 -13.00 4.56
C ILE A 29 8.68 -11.97 4.63
N ASN A 30 8.28 -10.70 4.79
CA ASN A 30 9.20 -9.55 4.88
C ASN A 30 10.36 -9.64 3.90
N GLU A 31 10.06 -10.10 2.70
CA GLU A 31 10.98 -10.04 1.57
C GLU A 31 11.06 -8.60 1.04
N ALA A 32 10.83 -8.43 -0.26
CA ALA A 32 10.66 -7.10 -0.86
C ALA A 32 9.65 -7.21 -1.97
N ILE A 33 8.92 -6.14 -2.25
CA ILE A 33 7.93 -6.19 -3.30
C ILE A 33 8.41 -5.44 -4.52
N GLN A 34 8.71 -6.18 -5.57
CA GLN A 34 9.13 -5.61 -6.84
C GLN A 34 8.18 -6.08 -7.92
N ILE A 35 7.25 -5.23 -8.30
CA ILE A 35 6.33 -5.56 -9.37
C ILE A 35 6.55 -4.66 -10.57
N GLY A 36 6.91 -5.30 -11.68
CA GLY A 36 7.07 -4.61 -12.94
C GLY A 36 8.35 -3.81 -12.98
N ALA A 37 8.36 -2.72 -12.24
CA ALA A 37 9.46 -1.78 -12.20
C ALA A 37 9.03 -0.54 -11.43
N ASP A 38 7.73 -0.28 -11.48
CA ASP A 38 7.16 0.93 -10.89
C ASP A 38 7.25 0.89 -9.38
N ILE A 39 6.91 -0.25 -8.79
CA ILE A 39 6.89 -0.34 -7.34
C ILE A 39 7.86 -1.41 -6.84
N GLU A 40 8.88 -0.93 -6.15
CA GLU A 40 9.78 -1.78 -5.39
C GLU A 40 9.89 -1.26 -3.96
N VAL A 41 9.39 -2.02 -2.99
CA VAL A 41 9.47 -1.63 -1.59
C VAL A 41 8.79 -2.64 -0.66
N LYS A 42 9.44 -2.90 0.47
CA LYS A 42 8.80 -3.51 1.62
C LYS A 42 9.17 -2.75 2.87
N VAL A 43 8.26 -1.92 3.32
CA VAL A 43 8.41 -1.34 4.64
C VAL A 43 7.48 -2.08 5.59
N ILE A 44 8.08 -2.87 6.45
CA ILE A 44 7.32 -3.78 7.28
C ILE A 44 6.93 -3.12 8.59
N ALA A 45 5.68 -3.29 8.97
CA ALA A 45 5.17 -2.75 10.21
C ALA A 45 4.57 -3.86 11.03
N VAL A 46 4.59 -3.70 12.34
CA VAL A 46 4.08 -4.72 13.22
C VAL A 46 2.60 -4.51 13.48
N GLU A 47 1.83 -5.50 13.09
CA GLU A 47 0.38 -5.47 13.16
C GLU A 47 -0.09 -6.00 14.51
N GLY A 48 0.79 -5.90 15.49
CA GLY A 48 0.55 -6.50 16.79
C GLY A 48 1.19 -7.87 16.90
N ASP A 49 0.77 -8.78 16.03
CA ASP A 49 1.37 -10.11 15.97
C ASP A 49 1.67 -10.48 14.52
N GLN A 50 1.32 -9.60 13.61
CA GLN A 50 1.46 -9.87 12.20
C GLN A 50 2.47 -8.92 11.58
N VAL A 51 3.14 -9.37 10.52
CA VAL A 51 4.05 -8.51 9.79
C VAL A 51 3.48 -8.20 8.42
N LYS A 52 3.37 -6.93 8.14
CA LYS A 52 2.77 -6.49 6.91
C LYS A 52 3.63 -5.40 6.27
N LEU A 53 3.63 -5.32 4.96
CA LEU A 53 4.43 -4.34 4.25
C LEU A 53 3.56 -3.17 3.82
N GLY A 54 4.21 -2.09 3.46
CA GLY A 54 3.49 -0.95 2.94
C GLY A 54 4.11 -0.44 1.67
N ILE A 55 3.29 -0.17 0.67
CA ILE A 55 3.76 0.51 -0.52
C ILE A 55 3.37 1.97 -0.43
N ASP A 56 4.36 2.81 -0.24
CA ASP A 56 4.11 4.23 -0.15
C ASP A 56 4.96 4.98 -1.16
N ALA A 57 4.30 5.76 -1.98
CA ALA A 57 4.94 6.46 -3.07
C ALA A 57 4.39 7.87 -3.15
N PRO A 58 5.17 8.81 -3.72
CA PRO A 58 4.78 10.23 -3.81
C PRO A 58 3.62 10.47 -4.78
N LYS A 59 2.71 9.50 -4.84
CA LYS A 59 1.50 9.60 -5.66
C LYS A 59 1.83 9.79 -7.13
N HIS A 60 2.91 9.15 -7.56
CA HIS A 60 3.25 9.03 -8.97
C HIS A 60 2.15 8.26 -9.72
N ILE A 61 2.41 7.94 -10.98
CA ILE A 61 1.48 7.17 -11.79
C ILE A 61 1.59 5.71 -11.45
N ASP A 62 0.52 4.99 -11.67
CA ASP A 62 0.49 3.57 -11.39
C ASP A 62 0.65 2.79 -12.69
N ILE A 63 1.85 2.28 -12.90
CA ILE A 63 2.20 1.62 -14.15
C ILE A 63 1.90 0.13 -14.06
N HIS A 64 1.42 -0.45 -15.15
CA HIS A 64 1.12 -1.87 -15.20
C HIS A 64 1.52 -2.45 -16.54
N ARG A 65 1.57 -3.77 -16.62
CA ARG A 65 1.83 -4.45 -17.87
C ARG A 65 0.54 -5.10 -18.38
N LYS A 66 0.04 -6.07 -17.61
CA LYS A 66 -1.19 -6.77 -17.96
C LYS A 66 -2.02 -7.04 -16.71
N GLU A 67 -3.30 -6.64 -16.74
CA GLU A 67 -4.24 -6.92 -15.65
C GLU A 67 -3.76 -6.33 -14.33
N ILE A 68 -3.09 -5.18 -14.41
CA ILE A 68 -2.47 -4.48 -13.26
C ILE A 68 -1.61 -5.40 -12.39
N TYR A 69 -0.31 -5.17 -12.42
CA TYR A 69 0.61 -5.99 -11.66
C TYR A 69 0.73 -5.50 -10.22
N LEU A 70 0.12 -4.35 -9.95
CA LEU A 70 0.18 -3.76 -8.62
C LEU A 70 -0.97 -4.23 -7.74
N THR A 71 -2.13 -3.61 -7.92
CA THR A 71 -3.32 -3.93 -7.12
C THR A 71 -3.24 -3.33 -5.71
N ILE A 72 -2.03 -3.25 -5.17
CA ILE A 72 -1.84 -2.72 -3.83
C ILE A 72 -2.05 -1.21 -3.84
N GLN A 73 -1.19 -0.49 -4.55
CA GLN A 73 -1.38 0.95 -4.66
C GLN A 73 -2.56 1.26 -5.56
N GLU A 74 -2.95 0.29 -6.37
CA GLU A 74 -4.09 0.45 -7.26
C GLU A 74 -5.39 0.47 -6.44
N GLU A 75 -5.43 -0.35 -5.40
CA GLU A 75 -6.54 -0.36 -4.47
C GLU A 75 -6.62 0.95 -3.73
N ASN A 76 -5.46 1.45 -3.31
CA ASN A 76 -5.38 2.72 -2.64
C ASN A 76 -5.29 3.83 -3.67
N ASN A 77 -4.08 4.38 -3.80
CA ASN A 77 -3.77 5.43 -4.79
C ASN A 77 -4.52 6.74 -4.50
N ARG A 78 -5.59 6.63 -3.72
CA ARG A 78 -6.59 7.67 -3.57
C ARG A 78 -7.69 7.16 -2.66
N ALA A 79 -7.96 5.86 -2.78
CA ALA A 79 -8.96 5.20 -1.98
C ALA A 79 -8.29 4.35 -0.92
N ALA A 80 -7.57 5.02 -0.03
CA ALA A 80 -6.90 4.35 1.08
C ALA A 80 -7.89 3.61 1.96
N ALA A 81 -7.36 2.69 2.79
CA ALA A 81 -8.18 1.87 3.67
C ALA A 81 -9.16 2.72 4.46
N LEU A 82 -10.44 2.60 4.12
CA LEU A 82 -11.48 3.40 4.73
C LEU A 82 -12.12 2.65 5.88
N SER A 83 -12.55 3.42 6.88
CA SER A 83 -13.17 2.87 8.08
C SER A 83 -12.22 1.91 8.80
N SER A 84 -12.77 1.13 9.71
CA SER A 84 -12.00 0.11 10.38
C SER A 84 -12.52 -1.27 9.96
N ASP A 85 -13.14 -1.30 8.78
CA ASP A 85 -13.77 -2.52 8.29
C ASP A 85 -12.91 -3.14 7.21
N VAL A 86 -11.61 -2.99 7.39
CA VAL A 86 -10.63 -3.54 6.48
C VAL A 86 -10.12 -4.87 7.02
N ILE A 87 -10.00 -4.93 8.34
CA ILE A 87 -9.68 -6.17 9.07
C ILE A 87 -8.19 -6.52 9.00
N SER A 88 -7.54 -6.13 7.91
CA SER A 88 -6.09 -6.34 7.71
C SER A 88 -5.80 -7.80 7.35
N ALA A 89 -6.27 -8.73 8.17
CA ALA A 89 -6.10 -10.14 7.90
C ALA A 89 -7.27 -10.65 7.07
N LEU A 90 -6.96 -11.17 5.88
CA LEU A 90 -7.94 -11.70 4.93
C LEU A 90 -8.78 -10.57 4.31
N SER A 91 -9.30 -9.69 5.16
CA SER A 91 -10.11 -8.53 4.73
C SER A 91 -11.47 -8.98 4.22
N SER A 92 -11.49 -9.70 3.11
CA SER A 92 -12.72 -10.29 2.62
C SER A 92 -12.92 -11.64 3.29
N GLN A 93 -13.35 -11.59 4.54
CA GLN A 93 -13.47 -12.79 5.36
C GLN A 93 -14.92 -13.03 5.77
N LYS A 94 -15.39 -14.24 5.54
CA LYS A 94 -16.68 -14.66 6.06
C LYS A 94 -16.53 -14.99 7.55
N LYS A 95 -17.55 -14.73 8.33
CA LYS A 95 -17.46 -14.89 9.77
C LYS A 95 -17.71 -16.34 10.18
N HIS A 12 16.10 25.57 4.35
CA HIS A 12 15.92 24.26 5.04
C HIS A 12 14.49 23.78 4.87
N SER A 13 14.29 22.78 4.03
CA SER A 13 12.96 22.27 3.75
C SER A 13 12.95 20.74 3.70
N SER A 14 12.60 20.12 4.82
CA SER A 14 12.47 18.66 4.89
C SER A 14 11.22 18.30 5.67
N GLY A 15 10.82 17.04 5.61
CA GLY A 15 9.57 16.63 6.22
C GLY A 15 8.40 17.17 5.43
N HIS A 16 8.47 16.98 4.12
CA HIS A 16 7.52 17.58 3.20
C HIS A 16 6.40 16.61 2.86
N ILE A 17 5.17 16.99 3.20
CA ILE A 17 4.01 16.22 2.81
C ILE A 17 3.67 16.55 1.36
N GLU A 18 3.76 15.54 0.51
CA GLU A 18 3.57 15.73 -0.91
C GLU A 18 2.27 15.07 -1.37
N GLY A 19 1.42 14.76 -0.40
CA GLY A 19 0.19 14.06 -0.69
C GLY A 19 0.46 12.65 -1.15
N ARG A 20 1.47 12.03 -0.56
CA ARG A 20 1.85 10.68 -0.95
C ARG A 20 1.07 9.67 -0.11
N HIS A 21 1.10 8.42 -0.54
CA HIS A 21 0.34 7.39 0.15
C HIS A 21 1.17 6.13 0.33
N MET A 22 1.21 5.67 1.56
CA MET A 22 1.85 4.42 1.88
C MET A 22 0.79 3.39 2.16
N LEU A 23 0.66 2.40 1.28
CA LEU A 23 -0.34 1.37 1.46
C LEU A 23 0.33 0.13 2.02
N VAL A 24 -0.09 -0.23 3.20
CA VAL A 24 0.46 -1.37 3.89
C VAL A 24 -0.38 -2.62 3.58
N LEU A 25 0.29 -3.63 3.07
CA LEU A 25 -0.33 -4.87 2.64
C LEU A 25 0.02 -5.98 3.62
N SER A 26 -0.90 -6.88 3.89
CA SER A 26 -0.68 -7.91 4.86
C SER A 26 0.01 -9.11 4.23
N ARG A 27 1.30 -9.24 4.53
CA ARG A 27 2.13 -10.24 3.90
C ARG A 27 3.14 -10.73 4.90
N LYS A 28 3.07 -12.00 5.24
CA LYS A 28 3.77 -12.51 6.41
C LYS A 28 5.04 -13.22 5.98
N ILE A 29 5.74 -12.56 5.07
CA ILE A 29 6.95 -13.11 4.48
C ILE A 29 8.11 -12.14 4.67
N ASN A 30 7.76 -10.88 5.01
CA ASN A 30 8.72 -9.75 5.06
C ASN A 30 9.64 -9.74 3.85
N GLU A 31 9.10 -10.19 2.73
CA GLU A 31 9.81 -10.22 1.47
C GLU A 31 9.96 -8.81 0.92
N ALA A 32 10.63 -8.68 -0.20
CA ALA A 32 10.80 -7.38 -0.83
C ALA A 32 9.95 -7.32 -2.08
N ILE A 33 9.37 -6.17 -2.32
CA ILE A 33 8.35 -6.05 -3.32
C ILE A 33 8.88 -5.29 -4.52
N GLN A 34 9.06 -6.03 -5.61
CA GLN A 34 9.54 -5.48 -6.86
C GLN A 34 8.60 -5.89 -7.97
N ILE A 35 7.69 -5.00 -8.33
CA ILE A 35 6.72 -5.29 -9.35
C ILE A 35 6.88 -4.35 -10.54
N GLY A 36 7.18 -4.96 -11.69
CA GLY A 36 7.25 -4.24 -12.94
C GLY A 36 8.52 -3.43 -13.05
N ALA A 37 8.58 -2.37 -12.26
CA ALA A 37 9.66 -1.40 -12.29
C ALA A 37 9.24 -0.13 -11.56
N ASP A 38 7.93 0.05 -11.43
CA ASP A 38 7.38 1.26 -10.85
C ASP A 38 7.46 1.22 -9.33
N ILE A 39 7.24 0.04 -8.75
CA ILE A 39 7.27 -0.06 -7.29
C ILE A 39 8.28 -1.11 -6.83
N GLU A 40 9.27 -0.64 -6.10
CA GLU A 40 10.23 -1.49 -5.42
C GLU A 40 10.47 -0.99 -3.99
N VAL A 41 10.08 -1.78 -2.99
CA VAL A 41 10.18 -1.36 -1.60
C VAL A 41 9.52 -2.40 -0.68
N LYS A 42 10.11 -2.58 0.50
CA LYS A 42 9.47 -3.32 1.59
C LYS A 42 9.61 -2.54 2.88
N VAL A 43 8.56 -1.84 3.24
CA VAL A 43 8.53 -1.18 4.55
C VAL A 43 7.59 -1.94 5.45
N ILE A 44 8.16 -2.63 6.40
CA ILE A 44 7.42 -3.54 7.26
C ILE A 44 6.83 -2.81 8.45
N ALA A 45 5.57 -3.09 8.72
CA ALA A 45 4.87 -2.50 9.84
C ALA A 45 4.28 -3.59 10.71
N VAL A 46 3.99 -3.26 11.96
CA VAL A 46 3.48 -4.24 12.90
C VAL A 46 1.96 -4.27 12.90
N GLU A 47 1.43 -5.42 12.53
CA GLU A 47 -0.01 -5.66 12.52
C GLU A 47 -0.43 -6.22 13.87
N GLY A 48 0.33 -5.83 14.90
CA GLY A 48 0.13 -6.37 16.23
C GLY A 48 0.73 -7.75 16.36
N ASP A 49 0.06 -8.74 15.78
CA ASP A 49 0.52 -10.13 15.86
C ASP A 49 0.65 -10.68 14.46
N GLN A 50 1.03 -9.81 13.55
CA GLN A 50 1.12 -10.13 12.14
C GLN A 50 2.15 -9.25 11.49
N VAL A 51 2.77 -9.74 10.43
CA VAL A 51 3.78 -8.97 9.73
C VAL A 51 3.24 -8.56 8.37
N LYS A 52 3.31 -7.28 8.10
CA LYS A 52 2.83 -6.78 6.84
C LYS A 52 3.79 -5.74 6.26
N LEU A 53 3.88 -5.68 4.94
CA LEU A 53 4.77 -4.76 4.24
C LEU A 53 3.99 -3.59 3.73
N GLY A 54 4.66 -2.53 3.32
CA GLY A 54 3.96 -1.41 2.74
C GLY A 54 4.66 -0.89 1.50
N ILE A 55 3.88 -0.35 0.58
CA ILE A 55 4.45 0.36 -0.56
C ILE A 55 4.06 1.82 -0.49
N ASP A 56 5.03 2.69 -0.62
CA ASP A 56 4.78 4.13 -0.57
C ASP A 56 5.26 4.77 -1.87
N ALA A 57 4.42 5.64 -2.39
CA ALA A 57 4.71 6.30 -3.66
C ALA A 57 4.40 7.79 -3.53
N PRO A 58 5.07 8.64 -4.32
CA PRO A 58 4.96 10.10 -4.23
C PRO A 58 3.67 10.62 -4.86
N LYS A 59 2.67 9.75 -4.88
CA LYS A 59 1.38 10.02 -5.51
C LYS A 59 1.52 10.14 -7.02
N HIS A 60 1.06 9.12 -7.70
CA HIS A 60 1.17 9.03 -9.15
C HIS A 60 0.28 7.88 -9.62
N ILE A 61 0.36 7.55 -10.89
CA ILE A 61 -0.39 6.46 -11.46
C ILE A 61 0.43 5.19 -11.37
N ASP A 62 -0.21 4.09 -11.05
CA ASP A 62 0.49 2.83 -10.96
C ASP A 62 0.39 2.07 -12.26
N ILE A 63 1.55 1.86 -12.88
CA ILE A 63 1.64 1.26 -14.20
C ILE A 63 1.49 -0.25 -14.09
N HIS A 64 0.82 -0.86 -15.06
CA HIS A 64 0.67 -2.31 -15.08
C HIS A 64 0.92 -2.81 -16.49
N ARG A 65 1.09 -4.11 -16.63
CA ARG A 65 1.33 -4.71 -17.94
C ARG A 65 0.24 -5.73 -18.24
N LYS A 66 -0.72 -5.31 -19.06
CA LYS A 66 -1.90 -6.13 -19.37
C LYS A 66 -2.79 -6.27 -18.13
N GLU A 67 -2.37 -7.09 -17.19
CA GLU A 67 -3.06 -7.22 -15.92
C GLU A 67 -2.35 -6.35 -14.89
N ILE A 68 -2.88 -6.27 -13.67
CA ILE A 68 -2.27 -5.40 -12.68
C ILE A 68 -1.24 -6.16 -11.86
N TYR A 69 -0.02 -5.68 -11.91
CA TYR A 69 1.08 -6.32 -11.22
C TYR A 69 1.27 -5.75 -9.82
N LEU A 70 0.54 -4.68 -9.52
CA LEU A 70 0.73 -3.94 -8.27
C LEU A 70 -0.42 -4.21 -7.34
N THR A 71 -1.56 -3.61 -7.63
CA THR A 71 -2.77 -3.83 -6.87
C THR A 71 -2.72 -3.10 -5.51
N ILE A 72 -1.54 -2.95 -4.96
CA ILE A 72 -1.36 -2.35 -3.64
C ILE A 72 -1.81 -0.90 -3.62
N GLN A 73 -1.18 -0.04 -4.43
CA GLN A 73 -1.65 1.34 -4.50
C GLN A 73 -2.74 1.46 -5.55
N GLU A 74 -3.05 0.37 -6.23
CA GLU A 74 -4.15 0.36 -7.19
C GLU A 74 -5.44 0.30 -6.40
N GLU A 75 -5.44 -0.59 -5.41
CA GLU A 75 -6.52 -0.68 -4.45
C GLU A 75 -6.59 0.56 -3.57
N ASN A 76 -5.43 1.09 -3.22
CA ASN A 76 -5.37 2.32 -2.41
C ASN A 76 -5.40 3.56 -3.30
N ASN A 77 -4.20 4.08 -3.64
CA ASN A 77 -4.04 5.24 -4.52
C ASN A 77 -4.56 6.53 -3.86
N ARG A 78 -5.13 6.39 -2.68
CA ARG A 78 -5.81 7.48 -2.00
C ARG A 78 -6.09 7.09 -0.56
N ALA A 79 -6.91 6.05 -0.37
CA ALA A 79 -7.24 5.55 0.97
C ALA A 79 -8.15 4.33 0.89
N ALA A 80 -7.54 3.16 0.72
CA ALA A 80 -8.30 1.92 0.69
C ALA A 80 -8.50 1.39 2.11
N ALA A 81 -9.77 1.24 2.50
CA ALA A 81 -10.13 0.77 3.84
C ALA A 81 -11.64 0.85 4.06
N LEU A 82 -12.34 1.44 3.10
CA LEU A 82 -13.76 1.71 3.25
C LEU A 82 -14.60 0.59 2.64
N SER A 83 -15.80 0.41 3.17
CA SER A 83 -16.76 -0.56 2.64
C SER A 83 -16.22 -1.98 2.73
N SER A 84 -15.34 -2.21 3.70
CA SER A 84 -14.69 -3.51 3.88
C SER A 84 -13.92 -3.92 2.63
N ASP A 85 -13.48 -2.93 1.87
CA ASP A 85 -12.65 -3.19 0.71
C ASP A 85 -11.19 -3.28 1.15
N VAL A 86 -10.72 -4.53 1.26
CA VAL A 86 -9.39 -4.82 1.76
C VAL A 86 -9.24 -4.49 3.24
N ILE A 87 -9.46 -3.22 3.58
CA ILE A 87 -9.36 -2.74 4.97
C ILE A 87 -7.90 -2.62 5.43
N SER A 88 -7.03 -3.39 4.76
CA SER A 88 -5.59 -3.40 5.02
C SER A 88 -5.26 -4.18 6.30
N ALA A 89 -5.74 -3.71 7.45
CA ALA A 89 -5.49 -4.39 8.71
C ALA A 89 -6.24 -5.71 8.72
N LEU A 90 -5.48 -6.80 8.81
CA LEU A 90 -6.03 -8.17 8.80
C LEU A 90 -6.67 -8.52 7.45
N SER A 91 -7.32 -7.55 6.83
CA SER A 91 -7.97 -7.69 5.53
C SER A 91 -9.26 -8.49 5.66
N SER A 92 -9.15 -9.75 6.06
CA SER A 92 -10.31 -10.58 6.27
C SER A 92 -11.10 -10.06 7.46
N GLN A 93 -10.37 -9.51 8.44
CA GLN A 93 -10.96 -9.01 9.68
C GLN A 93 -11.57 -10.16 10.48
N LYS A 94 -12.18 -9.84 11.61
CA LYS A 94 -12.82 -10.89 12.41
C LYS A 94 -14.27 -11.06 11.98
N LYS A 95 -14.52 -12.12 11.24
CA LYS A 95 -15.85 -12.40 10.73
C LYS A 95 -16.07 -13.91 10.67
N HIS A 12 9.38 27.31 2.52
CA HIS A 12 8.14 28.11 2.59
C HIS A 12 7.08 27.51 1.67
N SER A 13 7.45 27.27 0.42
CA SER A 13 6.52 26.72 -0.55
C SER A 13 6.43 25.20 -0.42
N SER A 14 7.38 24.61 0.30
CA SER A 14 7.39 23.17 0.48
C SER A 14 6.31 22.75 1.48
N GLY A 15 5.55 23.72 1.97
CA GLY A 15 4.38 23.41 2.77
C GLY A 15 3.21 23.02 1.89
N HIS A 16 3.48 23.00 0.58
CA HIS A 16 2.49 22.61 -0.41
C HIS A 16 2.23 21.12 -0.30
N ILE A 17 1.02 20.77 0.10
CA ILE A 17 0.66 19.37 0.30
C ILE A 17 0.39 18.70 -1.04
N GLU A 18 1.17 17.68 -1.33
CA GLU A 18 0.97 16.89 -2.52
C GLU A 18 0.41 15.53 -2.15
N GLY A 19 -0.39 14.97 -3.03
CA GLY A 19 -1.00 13.69 -2.75
C GLY A 19 0.01 12.58 -2.68
N ARG A 20 0.06 11.91 -1.54
CA ARG A 20 0.96 10.78 -1.35
C ARG A 20 0.16 9.64 -0.74
N HIS A 21 0.66 8.42 -0.84
CA HIS A 21 -0.04 7.27 -0.28
C HIS A 21 0.95 6.26 0.31
N MET A 22 0.61 5.77 1.49
CA MET A 22 1.33 4.65 2.07
C MET A 22 0.36 3.48 2.24
N LEU A 23 0.41 2.52 1.34
CA LEU A 23 -0.52 1.40 1.39
C LEU A 23 0.16 0.19 1.98
N VAL A 24 -0.40 -0.31 3.07
CA VAL A 24 0.13 -1.45 3.77
C VAL A 24 -0.45 -2.75 3.22
N LEU A 25 0.43 -3.69 2.93
CA LEU A 25 0.07 -4.99 2.38
C LEU A 25 0.32 -6.05 3.44
N SER A 26 -0.59 -6.99 3.59
CA SER A 26 -0.42 -8.00 4.60
C SER A 26 0.35 -9.21 4.04
N ARG A 27 1.62 -9.31 4.39
CA ARG A 27 2.49 -10.37 3.90
C ARG A 27 3.53 -10.68 4.97
N LYS A 28 3.52 -11.90 5.48
CA LYS A 28 4.25 -12.21 6.71
C LYS A 28 5.52 -12.98 6.42
N ILE A 29 5.96 -12.90 5.16
CA ILE A 29 7.15 -13.61 4.72
C ILE A 29 8.35 -12.67 4.73
N ASN A 30 8.07 -11.40 5.01
CA ASN A 30 9.04 -10.31 4.97
C ASN A 30 10.12 -10.52 3.93
N GLU A 31 9.68 -10.44 2.69
CA GLU A 31 10.52 -10.60 1.52
C GLU A 31 10.79 -9.22 0.92
N ALA A 32 10.70 -9.12 -0.38
CA ALA A 32 10.78 -7.83 -1.06
C ALA A 32 9.88 -7.89 -2.28
N ILE A 33 9.10 -6.84 -2.49
CA ILE A 33 8.13 -6.85 -3.57
C ILE A 33 8.60 -5.97 -4.71
N GLN A 34 8.98 -6.61 -5.81
CA GLN A 34 9.39 -5.94 -7.02
C GLN A 34 8.37 -6.20 -8.10
N ILE A 35 7.51 -5.22 -8.32
CA ILE A 35 6.48 -5.35 -9.33
C ILE A 35 6.69 -4.34 -10.45
N GLY A 36 7.05 -4.87 -11.61
CA GLY A 36 7.11 -4.09 -12.82
C GLY A 36 8.38 -3.27 -12.90
N ALA A 37 8.45 -2.25 -12.07
CA ALA A 37 9.52 -1.26 -12.11
C ALA A 37 9.13 -0.04 -11.30
N ASP A 38 7.83 0.17 -11.16
CA ASP A 38 7.31 1.34 -10.48
C ASP A 38 7.47 1.18 -8.98
N ILE A 39 7.20 -0.03 -8.49
CA ILE A 39 7.32 -0.26 -7.06
C ILE A 39 8.21 -1.47 -6.77
N GLU A 40 9.25 -1.21 -6.00
CA GLU A 40 10.11 -2.26 -5.46
C GLU A 40 10.50 -1.92 -4.02
N VAL A 41 10.01 -2.71 -3.05
CA VAL A 41 10.32 -2.48 -1.64
C VAL A 41 9.43 -3.35 -0.74
N LYS A 42 9.94 -3.68 0.43
CA LYS A 42 9.12 -4.21 1.49
C LYS A 42 9.40 -3.48 2.78
N VAL A 43 8.54 -2.53 3.10
CA VAL A 43 8.60 -1.87 4.38
C VAL A 43 7.84 -2.69 5.40
N ILE A 44 8.55 -3.35 6.29
CA ILE A 44 7.93 -4.26 7.21
C ILE A 44 7.56 -3.54 8.49
N ALA A 45 6.28 -3.52 8.80
CA ALA A 45 5.75 -2.72 9.89
C ALA A 45 4.95 -3.56 10.87
N VAL A 46 4.40 -2.90 11.88
CA VAL A 46 3.69 -3.58 12.96
C VAL A 46 2.20 -3.69 12.67
N GLU A 47 1.69 -4.91 12.78
CA GLU A 47 0.25 -5.17 12.69
C GLU A 47 -0.18 -5.87 13.98
N GLY A 48 0.45 -5.47 15.08
CA GLY A 48 0.21 -6.12 16.35
C GLY A 48 0.95 -7.43 16.44
N ASP A 49 0.33 -8.47 15.89
CA ASP A 49 0.92 -9.80 15.88
C ASP A 49 0.91 -10.36 14.45
N GLN A 50 0.65 -9.48 13.51
CA GLN A 50 0.69 -9.82 12.10
C GLN A 50 1.82 -9.05 11.44
N VAL A 51 2.43 -9.62 10.42
CA VAL A 51 3.54 -8.94 9.78
C VAL A 51 3.17 -8.52 8.37
N LYS A 52 3.36 -7.25 8.10
CA LYS A 52 2.92 -6.69 6.84
C LYS A 52 3.98 -5.77 6.23
N LEU A 53 3.98 -5.68 4.92
CA LEU A 53 4.84 -4.75 4.20
C LEU A 53 4.01 -3.54 3.80
N GLY A 54 4.65 -2.49 3.36
CA GLY A 54 3.89 -1.39 2.80
C GLY A 54 4.64 -0.69 1.69
N ILE A 55 3.91 -0.08 0.76
CA ILE A 55 4.52 0.70 -0.30
C ILE A 55 4.10 2.16 -0.17
N ASP A 56 5.08 3.06 -0.09
CA ASP A 56 4.79 4.48 0.01
C ASP A 56 5.30 5.21 -1.22
N ALA A 57 4.38 5.88 -1.90
CA ALA A 57 4.69 6.63 -3.11
C ALA A 57 3.89 7.93 -3.12
N PRO A 58 4.38 8.97 -3.83
CA PRO A 58 3.71 10.27 -3.86
C PRO A 58 2.51 10.25 -4.81
N LYS A 59 1.66 9.22 -4.63
CA LYS A 59 0.48 8.99 -5.45
C LYS A 59 0.86 8.64 -6.87
N HIS A 60 1.37 9.63 -7.59
CA HIS A 60 1.78 9.52 -8.99
C HIS A 60 0.86 8.60 -9.80
N ILE A 61 1.42 7.94 -10.81
CA ILE A 61 0.68 7.02 -11.64
C ILE A 61 1.11 5.58 -11.38
N ASP A 62 0.15 4.69 -11.25
CA ASP A 62 0.47 3.29 -11.05
C ASP A 62 0.49 2.55 -12.38
N ILE A 63 1.69 2.17 -12.79
CA ILE A 63 1.92 1.56 -14.08
C ILE A 63 1.65 0.06 -14.02
N HIS A 64 1.08 -0.50 -15.08
CA HIS A 64 0.87 -1.94 -15.17
C HIS A 64 1.17 -2.41 -16.59
N ARG A 65 1.30 -3.71 -16.77
CA ARG A 65 1.57 -4.28 -18.08
C ARG A 65 0.28 -4.88 -18.65
N LYS A 66 -0.07 -6.05 -18.16
CA LYS A 66 -1.35 -6.67 -18.44
C LYS A 66 -1.85 -7.29 -17.15
N GLU A 67 -3.03 -6.89 -16.70
CA GLU A 67 -3.57 -7.34 -15.41
C GLU A 67 -2.66 -6.79 -14.31
N ILE A 68 -3.20 -5.84 -13.53
CA ILE A 68 -2.38 -4.99 -12.66
C ILE A 68 -1.38 -5.80 -11.82
N TYR A 69 -0.13 -5.37 -11.89
CA TYR A 69 0.93 -6.04 -11.16
C TYR A 69 1.12 -5.44 -9.76
N LEU A 70 0.42 -4.35 -9.50
CA LEU A 70 0.63 -3.56 -8.30
C LEU A 70 -0.44 -3.86 -7.30
N THR A 71 -1.63 -3.34 -7.55
CA THR A 71 -2.78 -3.56 -6.68
C THR A 71 -2.67 -2.73 -5.40
N ILE A 72 -1.45 -2.56 -4.92
CA ILE A 72 -1.19 -1.84 -3.67
C ILE A 72 -1.66 -0.40 -3.78
N GLN A 73 -0.99 0.38 -4.59
CA GLN A 73 -1.33 1.77 -4.76
C GLN A 73 -2.48 1.94 -5.75
N GLU A 74 -2.82 0.86 -6.43
CA GLU A 74 -3.99 0.87 -7.31
C GLU A 74 -5.21 0.94 -6.42
N GLU A 75 -5.18 0.16 -5.35
CA GLU A 75 -6.16 0.21 -4.30
C GLU A 75 -6.11 1.56 -3.58
N ASN A 76 -4.90 2.00 -3.25
CA ASN A 76 -4.73 3.27 -2.53
C ASN A 76 -4.53 4.43 -3.50
N ASN A 77 -5.20 4.31 -4.63
CA ASN A 77 -5.30 5.40 -5.57
C ASN A 77 -6.70 5.98 -5.40
N ARG A 78 -7.28 5.67 -4.25
CA ARG A 78 -8.66 6.01 -3.95
C ARG A 78 -8.94 5.82 -2.45
N ALA A 79 -9.13 4.57 -2.03
CA ALA A 79 -9.46 4.28 -0.64
C ALA A 79 -9.28 2.79 -0.33
N ALA A 80 -8.03 2.32 -0.38
CA ALA A 80 -7.71 0.93 -0.06
C ALA A 80 -7.87 0.62 1.43
N ALA A 81 -7.94 -0.68 1.72
CA ALA A 81 -7.96 -1.17 3.08
C ALA A 81 -6.57 -1.07 3.72
N LEU A 82 -6.52 -1.09 5.05
CA LEU A 82 -5.26 -0.96 5.77
C LEU A 82 -4.85 -2.28 6.39
N SER A 83 -5.41 -3.35 5.87
CA SER A 83 -5.21 -4.69 6.38
C SER A 83 -6.22 -5.57 5.67
N SER A 84 -6.58 -6.70 6.25
CA SER A 84 -7.67 -7.48 5.73
C SER A 84 -8.98 -6.92 6.28
N ASP A 85 -8.85 -5.79 6.96
CA ASP A 85 -9.98 -5.07 7.50
C ASP A 85 -9.79 -3.61 7.19
N VAL A 86 -10.72 -3.04 6.46
CA VAL A 86 -10.60 -1.64 6.08
C VAL A 86 -10.76 -0.77 7.32
N ILE A 87 -12.01 -0.60 7.73
CA ILE A 87 -12.39 0.05 8.98
C ILE A 87 -13.62 -0.68 9.46
N SER A 88 -13.66 -1.95 9.08
CA SER A 88 -14.85 -2.78 9.10
C SER A 88 -15.73 -2.39 7.91
N ALA A 89 -16.88 -3.04 7.77
CA ALA A 89 -17.77 -2.75 6.66
C ALA A 89 -18.66 -1.57 6.99
N LEU A 90 -18.53 -0.50 6.21
CA LEU A 90 -19.29 0.73 6.43
C LEU A 90 -19.12 1.71 5.27
N SER A 91 -18.10 1.46 4.44
CA SER A 91 -17.86 2.25 3.23
C SER A 91 -17.55 3.71 3.54
N SER A 92 -17.19 3.98 4.79
CA SER A 92 -16.90 5.33 5.26
C SER A 92 -18.15 6.21 5.16
N GLN A 93 -19.29 5.55 4.97
CA GLN A 93 -20.53 6.24 4.72
C GLN A 93 -21.30 6.48 6.01
N LYS A 94 -21.37 7.74 6.42
CA LYS A 94 -22.17 8.12 7.56
C LYS A 94 -23.52 8.66 7.08
N LYS A 95 -24.55 7.87 7.30
CA LYS A 95 -25.88 8.22 6.84
C LYS A 95 -26.79 8.49 8.02
N HIS A 12 11.27 22.02 -10.47
CA HIS A 12 12.17 20.88 -10.21
C HIS A 12 11.93 20.28 -8.83
N SER A 13 11.61 21.12 -7.86
CA SER A 13 11.39 20.65 -6.50
C SER A 13 9.97 20.11 -6.31
N SER A 14 9.58 19.18 -7.18
CA SER A 14 8.25 18.61 -7.16
C SER A 14 8.12 17.54 -6.07
N GLY A 15 9.11 17.46 -5.20
CA GLY A 15 9.06 16.54 -4.08
C GLY A 15 8.22 17.08 -2.95
N HIS A 16 7.40 18.06 -3.26
CA HIS A 16 6.47 18.65 -2.30
C HIS A 16 5.35 17.65 -2.00
N ILE A 17 5.34 17.15 -0.78
CA ILE A 17 4.35 16.14 -0.41
C ILE A 17 2.99 16.78 -0.14
N GLU A 18 2.07 16.61 -1.09
CA GLU A 18 0.74 17.16 -0.97
C GLU A 18 -0.30 16.07 -0.80
N GLY A 19 0.17 14.86 -0.55
CA GLY A 19 -0.71 13.73 -0.39
C GLY A 19 -0.11 12.45 -0.93
N ARG A 20 0.46 11.65 -0.05
CA ARG A 20 1.06 10.38 -0.44
C ARG A 20 0.17 9.23 0.00
N HIS A 21 0.46 8.05 -0.52
CA HIS A 21 -0.17 6.85 -0.02
C HIS A 21 0.88 5.77 0.21
N MET A 22 1.05 5.39 1.46
CA MET A 22 1.81 4.21 1.78
C MET A 22 0.85 3.11 2.18
N LEU A 23 0.57 2.21 1.25
CA LEU A 23 -0.43 1.19 1.50
C LEU A 23 0.25 -0.09 1.90
N VAL A 24 -0.05 -0.53 3.10
CA VAL A 24 0.51 -1.73 3.64
C VAL A 24 -0.21 -2.96 3.12
N LEU A 25 0.56 -3.91 2.63
CA LEU A 25 0.06 -5.15 2.12
C LEU A 25 0.43 -6.23 3.11
N SER A 26 -0.50 -7.09 3.47
CA SER A 26 -0.25 -8.01 4.54
C SER A 26 0.42 -9.27 4.04
N ARG A 27 1.70 -9.39 4.33
CA ARG A 27 2.49 -10.49 3.83
C ARG A 27 3.49 -10.90 4.90
N LYS A 28 3.35 -12.11 5.38
CA LYS A 28 4.06 -12.56 6.56
C LYS A 28 5.36 -13.25 6.16
N ILE A 29 6.05 -12.64 5.21
CA ILE A 29 7.30 -13.17 4.70
C ILE A 29 8.41 -12.15 4.89
N ASN A 30 8.02 -10.88 4.98
CA ASN A 30 8.95 -9.74 5.05
C ASN A 30 9.76 -9.62 3.78
N GLU A 31 9.25 -10.25 2.73
CA GLU A 31 9.88 -10.18 1.41
C GLU A 31 9.74 -8.77 0.85
N ALA A 32 10.34 -8.54 -0.30
CA ALA A 32 10.27 -7.24 -0.93
C ALA A 32 9.38 -7.32 -2.15
N ILE A 33 8.72 -6.23 -2.46
CA ILE A 33 7.83 -6.20 -3.60
C ILE A 33 8.45 -5.42 -4.74
N GLN A 34 8.85 -6.14 -5.77
CA GLN A 34 9.41 -5.54 -6.97
C GLN A 34 8.50 -5.87 -8.14
N ILE A 35 7.65 -4.92 -8.49
CA ILE A 35 6.67 -5.16 -9.54
C ILE A 35 6.86 -4.25 -10.73
N GLY A 36 7.10 -4.88 -11.89
CA GLY A 36 7.06 -4.19 -13.17
C GLY A 36 8.03 -3.01 -13.27
N ALA A 37 9.04 -3.00 -12.41
CA ALA A 37 10.06 -1.97 -12.41
C ALA A 37 9.49 -0.58 -12.10
N ASP A 38 8.31 -0.52 -11.49
CA ASP A 38 7.75 0.76 -11.05
C ASP A 38 7.91 0.92 -9.55
N ILE A 39 7.59 -0.13 -8.82
CA ILE A 39 7.61 -0.08 -7.37
C ILE A 39 8.52 -1.17 -6.79
N GLU A 40 9.44 -0.76 -5.94
CA GLU A 40 10.29 -1.68 -5.18
C GLU A 40 10.43 -1.16 -3.75
N VAL A 41 9.99 -1.97 -2.78
CA VAL A 41 10.02 -1.53 -1.37
C VAL A 41 9.37 -2.57 -0.46
N LYS A 42 9.98 -2.78 0.71
CA LYS A 42 9.31 -3.44 1.82
C LYS A 42 9.51 -2.64 3.10
N VAL A 43 8.49 -1.89 3.47
CA VAL A 43 8.50 -1.22 4.76
C VAL A 43 7.62 -2.01 5.72
N ILE A 44 8.26 -2.67 6.66
CA ILE A 44 7.57 -3.62 7.50
C ILE A 44 7.09 -2.95 8.79
N ALA A 45 5.83 -3.16 9.09
CA ALA A 45 5.22 -2.60 10.28
C ALA A 45 4.55 -3.71 11.07
N VAL A 46 4.35 -3.47 12.36
CA VAL A 46 3.73 -4.47 13.21
C VAL A 46 2.22 -4.27 13.25
N GLU A 47 1.53 -5.23 12.66
CA GLU A 47 0.08 -5.22 12.54
C GLU A 47 -0.54 -5.90 13.77
N GLY A 48 0.00 -5.61 14.93
CA GLY A 48 -0.40 -6.30 16.13
C GLY A 48 0.35 -7.60 16.29
N ASP A 49 -0.07 -8.61 15.54
CA ASP A 49 0.61 -9.89 15.54
C ASP A 49 0.82 -10.34 14.10
N GLN A 50 0.65 -9.41 13.19
CA GLN A 50 0.84 -9.67 11.78
C GLN A 50 2.00 -8.83 11.26
N VAL A 51 2.77 -9.39 10.35
CA VAL A 51 3.83 -8.63 9.73
C VAL A 51 3.48 -8.31 8.30
N LYS A 52 3.47 -7.04 7.99
CA LYS A 52 3.08 -6.60 6.69
C LYS A 52 4.03 -5.53 6.17
N LEU A 53 4.21 -5.49 4.86
CA LEU A 53 5.03 -4.48 4.22
C LEU A 53 4.13 -3.42 3.63
N GLY A 54 4.67 -2.28 3.27
CA GLY A 54 3.87 -1.28 2.61
C GLY A 54 4.54 -0.74 1.38
N ILE A 55 3.77 -0.50 0.33
CA ILE A 55 4.30 0.19 -0.83
C ILE A 55 4.02 1.69 -0.69
N ASP A 56 5.06 2.49 -0.76
CA ASP A 56 4.89 3.94 -0.63
C ASP A 56 5.28 4.64 -1.91
N ALA A 57 4.37 5.43 -2.45
CA ALA A 57 4.58 6.13 -3.69
C ALA A 57 4.06 7.57 -3.59
N PRO A 58 4.74 8.50 -4.29
CA PRO A 58 4.39 9.94 -4.25
C PRO A 58 3.11 10.27 -5.02
N LYS A 59 2.10 9.40 -4.87
CA LYS A 59 0.79 9.59 -5.47
C LYS A 59 0.88 9.64 -7.01
N HIS A 60 1.94 9.04 -7.55
CA HIS A 60 2.08 8.87 -8.98
C HIS A 60 0.98 7.93 -9.51
N ILE A 61 0.98 7.68 -10.79
CA ILE A 61 0.11 6.67 -11.36
C ILE A 61 0.82 5.35 -11.30
N ASP A 62 0.11 4.29 -11.03
CA ASP A 62 0.73 2.99 -10.94
C ASP A 62 0.71 2.27 -12.28
N ILE A 63 1.90 1.97 -12.76
CA ILE A 63 2.08 1.38 -14.07
C ILE A 63 1.74 -0.10 -14.02
N HIS A 64 1.14 -0.63 -15.07
CA HIS A 64 0.80 -2.04 -15.11
C HIS A 64 1.16 -2.63 -16.46
N ARG A 65 1.16 -3.96 -16.54
CA ARG A 65 1.53 -4.64 -17.77
C ARG A 65 0.30 -4.91 -18.62
N LYS A 66 -0.52 -5.85 -18.17
CA LYS A 66 -1.82 -6.11 -18.79
C LYS A 66 -2.88 -5.97 -17.73
N GLU A 67 -2.72 -6.75 -16.68
CA GLU A 67 -3.49 -6.58 -15.46
C GLU A 67 -2.66 -5.70 -14.53
N ILE A 68 -3.21 -5.33 -13.38
CA ILE A 68 -2.45 -4.52 -12.45
C ILE A 68 -1.46 -5.39 -11.70
N TYR A 69 -0.20 -5.04 -11.79
CA TYR A 69 0.83 -5.86 -11.17
C TYR A 69 1.15 -5.41 -9.75
N LEU A 70 0.61 -4.26 -9.35
CA LEU A 70 0.74 -3.80 -7.97
C LEU A 70 -0.35 -4.42 -7.11
N THR A 71 -1.58 -3.97 -7.34
CA THR A 71 -2.76 -4.41 -6.57
C THR A 71 -2.69 -3.95 -5.11
N ILE A 72 -1.70 -3.14 -4.80
CA ILE A 72 -1.55 -2.58 -3.47
C ILE A 72 -2.13 -1.18 -3.44
N GLN A 73 -1.48 -0.27 -4.16
CA GLN A 73 -1.92 1.12 -4.20
C GLN A 73 -3.05 1.31 -5.22
N GLU A 74 -3.16 0.40 -6.18
CA GLU A 74 -4.27 0.51 -7.13
C GLU A 74 -5.56 0.37 -6.35
N GLU A 75 -5.52 -0.49 -5.36
CA GLU A 75 -6.61 -0.67 -4.41
C GLU A 75 -6.76 0.56 -3.51
N ASN A 76 -5.65 1.25 -3.25
CA ASN A 76 -5.61 2.28 -2.22
C ASN A 76 -4.84 3.52 -2.65
N ASN A 77 -5.12 4.02 -3.83
CA ASN A 77 -4.39 5.15 -4.36
C ASN A 77 -4.93 6.45 -3.78
N ARG A 78 -6.23 6.61 -3.95
CA ARG A 78 -6.95 7.75 -3.43
C ARG A 78 -6.97 7.73 -1.89
N ALA A 79 -7.20 6.55 -1.31
CA ALA A 79 -7.30 6.42 0.13
C ALA A 79 -6.87 5.03 0.61
N ALA A 80 -5.59 4.90 0.90
CA ALA A 80 -5.05 3.69 1.52
C ALA A 80 -5.71 3.42 2.89
N ALA A 81 -6.31 2.25 3.03
CA ALA A 81 -7.05 1.90 4.25
C ALA A 81 -7.07 0.40 4.51
N LEU A 82 -6.10 -0.34 3.97
CA LEU A 82 -6.11 -1.79 4.11
C LEU A 82 -5.16 -2.28 5.21
N SER A 83 -5.78 -2.80 6.27
CA SER A 83 -5.10 -3.35 7.43
C SER A 83 -6.05 -4.32 8.11
N SER A 84 -7.18 -3.74 8.48
CA SER A 84 -8.31 -4.38 9.15
C SER A 84 -9.04 -3.25 9.84
N ASP A 85 -8.22 -2.36 10.37
CA ASP A 85 -8.66 -1.09 10.91
C ASP A 85 -8.51 -0.02 9.86
N VAL A 86 -9.62 0.33 9.22
CA VAL A 86 -9.64 1.41 8.23
C VAL A 86 -9.31 2.73 8.91
N ILE A 87 -10.28 3.23 9.64
CA ILE A 87 -10.10 4.39 10.49
C ILE A 87 -10.18 3.92 11.94
N SER A 88 -10.41 2.62 12.07
CA SER A 88 -10.49 1.93 13.35
C SER A 88 -11.74 2.34 14.13
N ALA A 89 -11.76 3.58 14.65
CA ALA A 89 -12.89 4.07 15.40
C ALA A 89 -14.14 4.12 14.53
N LEU A 90 -15.16 3.37 14.94
CA LEU A 90 -16.46 3.30 14.25
C LEU A 90 -16.35 2.55 12.92
N SER A 91 -15.37 2.93 12.11
CA SER A 91 -15.12 2.34 10.80
C SER A 91 -16.21 2.75 9.81
N SER A 92 -15.85 2.79 8.53
CA SER A 92 -16.77 3.20 7.46
C SER A 92 -17.38 4.56 7.78
N GLN A 93 -16.57 5.44 8.35
CA GLN A 93 -17.03 6.77 8.78
C GLN A 93 -17.50 7.60 7.60
N LYS A 94 -18.80 7.88 7.57
CA LYS A 94 -19.36 8.77 6.60
C LYS A 94 -19.14 10.22 7.05
N LYS A 95 -18.50 11.00 6.20
CA LYS A 95 -18.17 12.37 6.54
C LYS A 95 -18.68 13.32 5.45
N HIS A 12 5.21 28.99 2.42
CA HIS A 12 5.71 27.82 3.19
C HIS A 12 6.78 27.09 2.37
N SER A 13 7.37 26.07 2.97
CA SER A 13 8.34 25.25 2.26
C SER A 13 8.27 23.81 2.77
N SER A 14 8.73 23.59 4.00
CA SER A 14 8.75 22.25 4.56
C SER A 14 7.58 22.03 5.51
N GLY A 15 6.78 23.08 5.73
CA GLY A 15 5.55 22.93 6.48
C GLY A 15 4.45 22.41 5.58
N HIS A 16 4.87 21.84 4.46
CA HIS A 16 3.97 21.31 3.46
C HIS A 16 4.09 19.79 3.41
N ILE A 17 2.95 19.10 3.48
CA ILE A 17 2.94 17.66 3.39
C ILE A 17 2.58 17.23 1.97
N GLU A 18 3.44 16.44 1.37
CA GLU A 18 3.23 15.97 0.01
C GLU A 18 2.24 14.83 0.00
N GLY A 19 1.24 14.94 -0.86
CA GLY A 19 0.26 13.88 -0.99
C GLY A 19 0.86 12.63 -1.54
N ARG A 20 1.13 11.68 -0.66
CA ARG A 20 1.67 10.39 -1.05
C ARG A 20 0.77 9.31 -0.50
N HIS A 21 0.89 8.09 -1.00
CA HIS A 21 0.11 6.99 -0.45
C HIS A 21 1.02 5.84 -0.03
N MET A 22 1.03 5.60 1.26
CA MET A 22 1.75 4.45 1.80
C MET A 22 0.74 3.36 2.12
N LEU A 23 0.67 2.36 1.25
CA LEU A 23 -0.33 1.32 1.41
C LEU A 23 0.30 0.09 2.00
N VAL A 24 -0.19 -0.28 3.17
CA VAL A 24 0.29 -1.44 3.87
C VAL A 24 -0.45 -2.69 3.39
N LEU A 25 0.31 -3.64 2.89
CA LEU A 25 -0.22 -4.89 2.41
C LEU A 25 0.21 -5.97 3.37
N SER A 26 -0.68 -6.86 3.74
CA SER A 26 -0.36 -7.82 4.77
C SER A 26 0.32 -9.04 4.17
N ARG A 27 1.61 -9.15 4.42
CA ARG A 27 2.42 -10.24 3.90
C ARG A 27 3.41 -10.66 4.96
N LYS A 28 3.30 -11.90 5.40
CA LYS A 28 3.99 -12.34 6.60
C LYS A 28 5.22 -13.13 6.23
N ILE A 29 5.98 -12.57 5.31
CA ILE A 29 7.13 -13.24 4.73
C ILE A 29 8.35 -12.34 4.84
N ASN A 30 8.08 -11.03 4.90
CA ASN A 30 9.12 -10.01 4.91
C ASN A 30 9.87 -10.03 3.59
N GLU A 31 9.21 -10.57 2.57
CA GLU A 31 9.75 -10.58 1.23
C GLU A 31 9.69 -9.18 0.64
N ALA A 32 10.38 -8.98 -0.47
CA ALA A 32 10.45 -7.68 -1.10
C ALA A 32 9.64 -7.68 -2.37
N ILE A 33 8.89 -6.61 -2.59
CA ILE A 33 8.00 -6.57 -3.73
C ILE A 33 8.57 -5.65 -4.81
N GLN A 34 9.01 -6.28 -5.90
CA GLN A 34 9.48 -5.57 -7.07
C GLN A 34 8.56 -5.91 -8.23
N ILE A 35 7.64 -5.00 -8.53
CA ILE A 35 6.70 -5.24 -9.60
C ILE A 35 6.89 -4.22 -10.71
N GLY A 36 7.25 -4.74 -11.88
CA GLY A 36 7.38 -3.94 -13.07
C GLY A 36 8.66 -3.13 -13.08
N ALA A 37 8.68 -2.14 -12.20
CA ALA A 37 9.75 -1.17 -12.09
C ALA A 37 9.26 0.01 -11.27
N ASP A 38 7.93 0.18 -11.28
CA ASP A 38 7.28 1.29 -10.62
C ASP A 38 7.48 1.19 -9.12
N ILE A 39 7.25 0.00 -8.58
CA ILE A 39 7.32 -0.20 -7.15
C ILE A 39 8.24 -1.37 -6.77
N GLU A 40 9.30 -1.04 -6.06
CA GLU A 40 10.15 -2.02 -5.40
C GLU A 40 10.43 -1.58 -3.96
N VAL A 41 9.94 -2.35 -2.98
CA VAL A 41 10.13 -2.00 -1.57
C VAL A 41 9.40 -2.99 -0.65
N LYS A 42 9.97 -3.22 0.52
CA LYS A 42 9.29 -3.91 1.60
C LYS A 42 9.49 -3.14 2.90
N VAL A 43 8.49 -2.39 3.29
CA VAL A 43 8.52 -1.71 4.57
C VAL A 43 7.70 -2.50 5.56
N ILE A 44 8.37 -3.19 6.46
CA ILE A 44 7.69 -4.08 7.39
C ILE A 44 7.45 -3.40 8.72
N ALA A 45 6.23 -3.56 9.21
CA ALA A 45 5.85 -3.01 10.49
C ALA A 45 5.00 -4.01 11.26
N VAL A 46 4.73 -3.71 12.52
CA VAL A 46 3.91 -4.60 13.33
C VAL A 46 2.44 -4.20 13.25
N GLU A 47 1.63 -5.11 12.74
CA GLU A 47 0.21 -4.88 12.61
C GLU A 47 -0.49 -5.33 13.90
N GLY A 48 0.24 -5.22 14.99
CA GLY A 48 -0.23 -5.77 16.24
C GLY A 48 0.31 -7.17 16.46
N ASP A 49 -0.15 -8.11 15.63
CA ASP A 49 0.34 -9.48 15.69
C ASP A 49 0.58 -10.01 14.28
N GLN A 50 0.42 -9.15 13.31
CA GLN A 50 0.56 -9.53 11.92
C GLN A 50 1.73 -8.80 11.29
N VAL A 51 2.40 -9.44 10.35
CA VAL A 51 3.53 -8.82 9.67
C VAL A 51 3.11 -8.36 8.29
N LYS A 52 3.27 -7.08 8.05
CA LYS A 52 2.81 -6.49 6.82
C LYS A 52 3.85 -5.53 6.25
N LEU A 53 3.87 -5.42 4.92
CA LEU A 53 4.75 -4.47 4.24
C LEU A 53 3.95 -3.27 3.79
N GLY A 54 4.63 -2.20 3.44
CA GLY A 54 3.94 -1.03 2.95
C GLY A 54 4.64 -0.44 1.76
N ILE A 55 3.90 -0.23 0.67
CA ILE A 55 4.46 0.44 -0.50
C ILE A 55 4.03 1.90 -0.49
N ASP A 56 4.99 2.80 -0.50
CA ASP A 56 4.70 4.22 -0.51
C ASP A 56 5.21 4.87 -1.78
N ALA A 57 4.34 5.62 -2.41
CA ALA A 57 4.67 6.33 -3.64
C ALA A 57 4.08 7.73 -3.59
N PRO A 58 4.71 8.69 -4.30
CA PRO A 58 4.31 10.11 -4.24
C PRO A 58 3.00 10.40 -4.97
N LYS A 59 2.10 9.42 -4.98
CA LYS A 59 0.77 9.56 -5.56
C LYS A 59 0.81 9.78 -7.07
N HIS A 60 1.88 9.33 -7.69
CA HIS A 60 1.96 9.24 -9.15
C HIS A 60 0.90 8.26 -9.67
N ILE A 61 0.91 8.04 -10.97
CA ILE A 61 0.03 7.07 -11.60
C ILE A 61 0.57 5.67 -11.39
N ASP A 62 -0.30 4.70 -11.40
CA ASP A 62 0.09 3.33 -11.15
C ASP A 62 0.16 2.54 -12.46
N ILE A 63 1.40 2.28 -12.88
CA ILE A 63 1.66 1.62 -14.15
C ILE A 63 1.50 0.11 -14.03
N HIS A 64 0.91 -0.52 -15.05
CA HIS A 64 0.76 -1.97 -15.07
C HIS A 64 1.12 -2.49 -16.45
N ARG A 65 1.28 -3.79 -16.58
CA ARG A 65 1.51 -4.40 -17.89
C ARG A 65 0.17 -4.56 -18.59
N LYS A 66 -0.63 -5.49 -18.08
CA LYS A 66 -1.97 -5.76 -18.63
C LYS A 66 -2.79 -6.59 -17.64
N GLU A 67 -2.26 -6.78 -16.44
CA GLU A 67 -2.85 -7.65 -15.45
C GLU A 67 -2.88 -6.98 -14.08
N ILE A 68 -2.52 -5.70 -14.07
CA ILE A 68 -2.10 -4.97 -12.87
C ILE A 68 -1.07 -5.75 -12.06
N TYR A 69 0.15 -5.28 -12.12
CA TYR A 69 1.23 -5.96 -11.44
C TYR A 69 1.40 -5.46 -10.01
N LEU A 70 0.65 -4.42 -9.68
CA LEU A 70 0.80 -3.73 -8.41
C LEU A 70 -0.29 -4.17 -7.46
N THR A 71 -1.48 -3.63 -7.68
CA THR A 71 -2.66 -3.99 -6.90
C THR A 71 -2.62 -3.36 -5.50
N ILE A 72 -1.42 -3.21 -4.95
CA ILE A 72 -1.23 -2.63 -3.62
C ILE A 72 -1.73 -1.18 -3.60
N GLN A 73 -1.08 -0.33 -4.37
CA GLN A 73 -1.50 1.07 -4.47
C GLN A 73 -2.62 1.23 -5.47
N GLU A 74 -3.00 0.14 -6.11
CA GLU A 74 -4.13 0.16 -7.04
C GLU A 74 -5.40 0.01 -6.22
N GLU A 75 -5.36 -0.92 -5.27
CA GLU A 75 -6.40 -1.04 -4.26
C GLU A 75 -6.53 0.26 -3.49
N ASN A 76 -5.40 0.85 -3.14
CA ASN A 76 -5.39 2.11 -2.44
C ASN A 76 -5.43 3.27 -3.42
N ASN A 77 -4.27 3.92 -3.61
CA ASN A 77 -4.16 5.14 -4.41
C ASN A 77 -4.92 6.28 -3.74
N ARG A 78 -6.18 6.04 -3.47
CA ARG A 78 -7.08 6.98 -2.82
C ARG A 78 -7.27 6.61 -1.35
N ALA A 79 -7.95 5.50 -1.11
CA ALA A 79 -8.19 5.01 0.24
C ALA A 79 -8.69 3.57 0.21
N ALA A 80 -7.78 2.62 0.35
CA ALA A 80 -8.14 1.20 0.32
C ALA A 80 -8.67 0.71 1.66
N ALA A 81 -9.35 -0.42 1.62
CA ALA A 81 -9.81 -1.11 2.82
C ALA A 81 -9.20 -2.51 2.88
N LEU A 82 -9.35 -3.19 4.02
CA LEU A 82 -8.70 -4.47 4.28
C LEU A 82 -7.18 -4.32 4.33
N SER A 83 -6.57 -4.94 5.34
CA SER A 83 -5.14 -4.83 5.57
C SER A 83 -4.74 -3.36 5.77
N SER A 84 -5.71 -2.56 6.19
CA SER A 84 -5.49 -1.14 6.46
C SER A 84 -6.63 -0.63 7.32
N ASP A 85 -7.82 -0.58 6.71
CA ASP A 85 -9.07 -0.22 7.40
C ASP A 85 -8.89 1.05 8.21
N VAL A 86 -8.16 2.01 7.63
CA VAL A 86 -7.85 3.27 8.29
C VAL A 86 -9.10 4.00 8.75
N ILE A 87 -9.80 4.60 7.80
CA ILE A 87 -11.02 5.33 8.08
C ILE A 87 -12.07 4.99 7.03
N SER A 88 -11.64 5.03 5.77
CA SER A 88 -12.51 4.72 4.63
C SER A 88 -13.56 5.80 4.43
N ALA A 89 -14.61 5.79 5.25
CA ALA A 89 -15.63 6.82 5.18
C ALA A 89 -15.16 8.09 5.86
N LEU A 90 -15.08 9.18 5.09
CA LEU A 90 -14.63 10.47 5.58
C LEU A 90 -13.20 10.36 6.10
N SER A 91 -12.25 10.22 5.18
CA SER A 91 -10.86 9.93 5.55
C SER A 91 -10.14 11.18 6.08
N SER A 92 -10.88 12.07 6.72
CA SER A 92 -10.31 13.26 7.32
C SER A 92 -11.23 13.73 8.45
N GLN A 93 -11.95 12.77 9.01
CA GLN A 93 -12.98 13.07 10.01
C GLN A 93 -12.42 13.68 11.28
N LYS A 94 -13.18 14.62 11.83
CA LYS A 94 -12.90 15.18 13.13
C LYS A 94 -13.73 14.45 14.17
N LYS A 95 -13.08 14.03 15.25
CA LYS A 95 -13.76 13.31 16.31
C LYS A 95 -13.10 13.65 17.63
N HIS A 12 14.64 22.93 7.01
CA HIS A 12 13.68 23.92 7.57
C HIS A 12 12.59 23.22 8.36
N SER A 13 11.67 22.58 7.65
CA SER A 13 10.57 21.87 8.28
C SER A 13 10.33 20.54 7.58
N SER A 14 10.59 19.46 8.30
CA SER A 14 10.30 18.13 7.79
C SER A 14 8.92 17.71 8.25
N GLY A 15 8.32 18.53 9.10
CA GLY A 15 6.94 18.33 9.50
C GLY A 15 5.98 18.71 8.40
N HIS A 16 6.55 19.08 7.26
CA HIS A 16 5.77 19.37 6.06
C HIS A 16 5.21 18.07 5.53
N ILE A 17 3.90 17.92 5.64
CA ILE A 17 3.24 16.67 5.30
C ILE A 17 3.02 16.55 3.79
N GLU A 18 3.64 15.54 3.21
CA GLU A 18 3.42 15.22 1.81
C GLU A 18 2.20 14.33 1.65
N GLY A 19 1.37 14.60 0.67
CA GLY A 19 0.20 13.78 0.43
C GLY A 19 0.55 12.47 -0.23
N ARG A 20 1.29 11.64 0.50
CA ARG A 20 1.72 10.36 -0.02
C ARG A 20 0.70 9.29 0.31
N HIS A 21 0.81 8.13 -0.33
CA HIS A 21 -0.06 7.02 -0.02
C HIS A 21 0.76 5.80 0.36
N MET A 22 0.55 5.32 1.56
CA MET A 22 1.18 4.09 2.00
C MET A 22 0.12 3.04 2.29
N LEU A 23 0.03 2.03 1.44
CA LEU A 23 -0.93 0.99 1.64
C LEU A 23 -0.23 -0.23 2.23
N VAL A 24 -0.89 -0.94 3.11
CA VAL A 24 -0.28 -2.04 3.80
C VAL A 24 -0.75 -3.39 3.29
N LEU A 25 0.20 -4.22 2.88
CA LEU A 25 -0.07 -5.58 2.44
C LEU A 25 0.48 -6.55 3.48
N SER A 26 -0.29 -7.56 3.83
CA SER A 26 0.12 -8.45 4.89
C SER A 26 0.97 -9.59 4.33
N ARG A 27 2.28 -9.50 4.56
CA ARG A 27 3.23 -10.45 4.02
C ARG A 27 4.29 -10.72 5.08
N LYS A 28 4.34 -11.97 5.53
CA LYS A 28 5.13 -12.32 6.69
C LYS A 28 6.49 -12.86 6.28
N ILE A 29 6.91 -12.45 5.10
CA ILE A 29 8.18 -12.87 4.55
C ILE A 29 9.19 -11.75 4.72
N ASN A 30 8.67 -10.57 5.10
CA ASN A 30 9.47 -9.34 5.21
C ASN A 30 10.49 -9.24 4.10
N GLU A 31 10.01 -9.50 2.90
CA GLU A 31 10.80 -9.45 1.70
C GLU A 31 10.56 -8.12 1.01
N ALA A 32 11.06 -7.98 -0.21
CA ALA A 32 10.78 -6.81 -1.00
C ALA A 32 9.86 -7.17 -2.13
N ILE A 33 8.92 -6.30 -2.46
CA ILE A 33 7.94 -6.61 -3.49
C ILE A 33 8.27 -5.85 -4.76
N GLN A 34 8.71 -6.61 -5.76
CA GLN A 34 9.04 -6.07 -7.06
C GLN A 34 7.99 -6.51 -8.07
N ILE A 35 7.12 -5.59 -8.44
CA ILE A 35 6.11 -5.87 -9.45
C ILE A 35 6.37 -5.03 -10.70
N GLY A 36 6.65 -5.74 -11.79
CA GLY A 36 6.89 -5.10 -13.07
C GLY A 36 8.29 -4.53 -13.14
N ALA A 37 8.46 -3.39 -12.47
CA ALA A 37 9.73 -2.66 -12.43
C ALA A 37 9.49 -1.30 -11.80
N ASP A 38 8.27 -0.80 -11.98
CA ASP A 38 7.90 0.52 -11.50
C ASP A 38 7.73 0.52 -9.99
N ILE A 39 7.32 -0.61 -9.42
CA ILE A 39 7.12 -0.68 -7.98
C ILE A 39 7.97 -1.77 -7.34
N GLU A 40 8.97 -1.34 -6.59
CA GLU A 40 9.72 -2.22 -5.69
C GLU A 40 9.95 -1.50 -4.37
N VAL A 41 9.42 -2.06 -3.28
CA VAL A 41 9.53 -1.42 -1.97
C VAL A 41 9.08 -2.36 -0.86
N LYS A 42 9.74 -2.27 0.28
CA LYS A 42 9.32 -2.95 1.50
C LYS A 42 9.33 -2.00 2.69
N VAL A 43 8.17 -1.54 3.07
CA VAL A 43 8.05 -0.79 4.32
C VAL A 43 7.38 -1.67 5.36
N ILE A 44 8.15 -2.14 6.32
CA ILE A 44 7.64 -3.11 7.28
C ILE A 44 7.03 -2.43 8.49
N ALA A 45 5.78 -2.79 8.76
CA ALA A 45 5.05 -2.26 9.88
C ALA A 45 4.35 -3.41 10.61
N VAL A 46 3.88 -3.15 11.82
CA VAL A 46 3.24 -4.19 12.59
C VAL A 46 1.74 -4.22 12.35
N GLU A 47 1.25 -5.40 12.03
CA GLU A 47 -0.18 -5.66 11.92
C GLU A 47 -0.70 -6.04 13.29
N GLY A 48 0.03 -5.59 14.30
CA GLY A 48 -0.22 -6.00 15.67
C GLY A 48 0.29 -7.40 15.93
N ASP A 49 -0.37 -8.38 15.32
CA ASP A 49 -0.01 -9.78 15.52
C ASP A 49 0.67 -10.34 14.27
N GLN A 50 0.58 -9.60 13.18
CA GLN A 50 1.07 -10.06 11.90
C GLN A 50 2.17 -9.12 11.39
N VAL A 51 3.03 -9.61 10.50
CA VAL A 51 4.03 -8.76 9.88
C VAL A 51 3.60 -8.42 8.47
N LYS A 52 3.50 -7.14 8.19
CA LYS A 52 3.02 -6.71 6.90
C LYS A 52 3.86 -5.57 6.35
N LEU A 53 3.98 -5.52 5.03
CA LEU A 53 4.79 -4.50 4.38
C LEU A 53 3.89 -3.46 3.73
N GLY A 54 4.46 -2.33 3.37
CA GLY A 54 3.67 -1.28 2.79
C GLY A 54 4.26 -0.76 1.50
N ILE A 55 3.42 -0.58 0.51
CA ILE A 55 3.83 0.07 -0.73
C ILE A 55 3.58 1.56 -0.60
N ASP A 56 4.65 2.32 -0.49
CA ASP A 56 4.52 3.75 -0.38
C ASP A 56 5.26 4.44 -1.50
N ALA A 57 4.59 5.39 -2.11
CA ALA A 57 5.12 6.12 -3.23
C ALA A 57 4.78 7.59 -3.10
N PRO A 58 5.56 8.49 -3.73
CA PRO A 58 5.32 9.95 -3.66
C PRO A 58 4.03 10.37 -4.37
N LYS A 59 3.01 9.51 -4.32
CA LYS A 59 1.70 9.77 -4.87
C LYS A 59 1.76 9.97 -6.38
N HIS A 60 2.67 9.24 -7.02
CA HIS A 60 2.75 9.16 -8.47
C HIS A 60 1.51 8.45 -9.04
N ILE A 61 1.63 7.99 -10.27
CA ILE A 61 0.57 7.25 -10.93
C ILE A 61 0.89 5.76 -10.84
N ASP A 62 -0.13 4.93 -10.90
CA ASP A 62 0.06 3.49 -10.80
C ASP A 62 0.23 2.87 -12.19
N ILE A 63 1.45 2.42 -12.46
CA ILE A 63 1.76 1.79 -13.74
C ILE A 63 1.49 0.30 -13.65
N HIS A 64 1.02 -0.30 -14.73
CA HIS A 64 0.83 -1.73 -14.78
C HIS A 64 1.38 -2.28 -16.10
N ARG A 65 1.57 -3.59 -16.15
CA ARG A 65 2.17 -4.22 -17.32
C ARG A 65 1.48 -5.56 -17.59
N LYS A 66 0.54 -5.54 -18.52
CA LYS A 66 -0.28 -6.71 -18.82
C LYS A 66 -1.09 -7.12 -17.59
N GLU A 67 -2.32 -6.60 -17.54
CA GLU A 67 -3.17 -6.68 -16.35
C GLU A 67 -2.59 -5.79 -15.25
N ILE A 68 -3.24 -5.74 -14.11
CA ILE A 68 -2.74 -4.91 -13.03
C ILE A 68 -1.84 -5.73 -12.11
N TYR A 69 -0.58 -5.34 -12.06
CA TYR A 69 0.41 -6.08 -11.29
C TYR A 69 0.50 -5.56 -9.85
N LEU A 70 -0.20 -4.48 -9.58
CA LEU A 70 -0.12 -3.81 -8.29
C LEU A 70 -1.32 -4.18 -7.46
N THR A 71 -2.43 -3.50 -7.72
CA THR A 71 -3.69 -3.75 -7.02
C THR A 71 -3.65 -3.18 -5.60
N ILE A 72 -2.52 -3.31 -4.95
CA ILE A 72 -2.36 -2.84 -3.57
C ILE A 72 -2.60 -1.33 -3.49
N GLN A 73 -1.78 -0.57 -4.20
CA GLN A 73 -1.93 0.88 -4.21
C GLN A 73 -2.96 1.32 -5.23
N GLU A 74 -3.57 0.37 -5.94
CA GLU A 74 -4.66 0.71 -6.83
C GLU A 74 -5.96 0.63 -6.03
N GLU A 75 -5.99 -0.32 -5.10
CA GLU A 75 -7.00 -0.33 -4.05
C GLU A 75 -6.96 1.00 -3.32
N ASN A 76 -5.75 1.43 -2.98
CA ASN A 76 -5.53 2.68 -2.28
C ASN A 76 -5.31 3.82 -3.27
N ASN A 77 -4.04 4.26 -3.40
CA ASN A 77 -3.66 5.44 -4.21
C ASN A 77 -4.31 6.69 -3.66
N ARG A 78 -5.61 6.78 -3.84
CA ARG A 78 -6.41 7.89 -3.34
C ARG A 78 -6.47 7.84 -1.83
N ALA A 79 -7.20 6.86 -1.29
CA ALA A 79 -7.38 6.72 0.15
C ALA A 79 -8.27 5.54 0.50
N ALA A 80 -7.72 4.33 0.45
CA ALA A 80 -8.44 3.16 0.92
C ALA A 80 -7.94 2.75 2.30
N ALA A 81 -8.85 2.75 3.27
CA ALA A 81 -8.51 2.39 4.65
C ALA A 81 -9.70 2.61 5.58
N LEU A 82 -10.45 1.54 5.83
CA LEU A 82 -11.52 1.58 6.83
C LEU A 82 -10.93 1.33 8.21
N SER A 83 -10.35 0.14 8.38
CA SER A 83 -9.62 -0.22 9.58
C SER A 83 -8.66 -1.35 9.23
N SER A 84 -9.20 -2.56 9.17
CA SER A 84 -8.47 -3.69 8.63
C SER A 84 -9.30 -4.24 7.48
N ASP A 85 -10.48 -3.66 7.33
CA ASP A 85 -11.41 -4.02 6.29
C ASP A 85 -11.00 -3.36 4.98
N VAL A 86 -9.89 -3.83 4.46
CA VAL A 86 -9.36 -3.36 3.21
C VAL A 86 -9.03 -4.57 2.35
N ILE A 87 -7.96 -5.25 2.75
CA ILE A 87 -7.59 -6.54 2.20
C ILE A 87 -6.85 -7.34 3.28
N SER A 88 -5.62 -6.91 3.59
CA SER A 88 -4.78 -7.49 4.63
C SER A 88 -4.83 -9.03 4.63
N ALA A 89 -5.69 -9.59 5.48
CA ALA A 89 -5.83 -11.03 5.57
C ALA A 89 -7.02 -11.49 4.76
N LEU A 90 -6.78 -12.46 3.87
CA LEU A 90 -7.81 -13.03 2.99
C LEU A 90 -8.14 -12.06 1.86
N SER A 91 -8.00 -10.77 2.13
CA SER A 91 -8.15 -9.70 1.15
C SER A 91 -9.61 -9.50 0.75
N SER A 92 -10.22 -10.52 0.19
CA SER A 92 -11.60 -10.44 -0.23
C SER A 92 -12.53 -10.84 0.92
N GLN A 93 -12.52 -10.05 1.98
CA GLN A 93 -13.37 -10.32 3.13
C GLN A 93 -14.75 -9.72 2.93
N LYS A 94 -15.51 -10.33 2.02
CA LYS A 94 -16.86 -9.86 1.73
C LYS A 94 -17.78 -10.12 2.92
N LYS A 95 -18.16 -9.04 3.58
CA LYS A 95 -19.01 -9.12 4.76
C LYS A 95 -20.35 -8.45 4.51
N HIS A 12 13.98 20.39 7.26
CA HIS A 12 13.22 21.42 8.02
C HIS A 12 11.86 21.65 7.37
N SER A 13 10.83 21.84 8.20
CA SER A 13 9.47 22.03 7.73
C SER A 13 9.01 20.82 6.91
N SER A 14 8.70 19.74 7.61
CA SER A 14 8.32 18.49 6.95
C SER A 14 6.89 18.12 7.28
N GLY A 15 6.17 19.05 7.92
CA GLY A 15 4.76 18.81 8.22
C GLY A 15 3.89 19.07 7.01
N HIS A 16 4.44 18.81 5.84
CA HIS A 16 3.75 19.03 4.59
C HIS A 16 3.45 17.70 3.92
N ILE A 17 2.17 17.42 3.71
CA ILE A 17 1.75 16.20 3.07
C ILE A 17 1.57 16.44 1.57
N GLU A 18 2.03 15.50 0.76
CA GLU A 18 1.93 15.62 -0.69
C GLU A 18 0.71 14.88 -1.21
N GLY A 19 -0.26 14.67 -0.33
CA GLY A 19 -1.45 13.91 -0.69
C GLY A 19 -1.12 12.48 -1.02
N ARG A 20 -0.09 11.95 -0.36
CA ARG A 20 0.46 10.65 -0.69
C ARG A 20 -0.28 9.57 0.07
N HIS A 21 -0.05 8.34 -0.35
CA HIS A 21 -0.70 7.20 0.27
C HIS A 21 0.33 6.13 0.60
N MET A 22 0.15 5.52 1.75
CA MET A 22 0.92 4.34 2.12
C MET A 22 -0.01 3.17 2.28
N LEU A 23 0.04 2.22 1.35
CA LEU A 23 -0.84 1.08 1.43
C LEU A 23 -0.09 -0.11 1.96
N VAL A 24 -0.59 -0.67 3.03
CA VAL A 24 0.08 -1.76 3.72
C VAL A 24 -0.57 -3.10 3.36
N LEU A 25 0.26 -4.01 2.87
CA LEU A 25 -0.18 -5.30 2.37
C LEU A 25 0.30 -6.38 3.33
N SER A 26 -0.54 -7.36 3.59
CA SER A 26 -0.20 -8.35 4.60
C SER A 26 0.61 -9.48 3.99
N ARG A 27 1.87 -9.57 4.41
CA ARG A 27 2.79 -10.57 3.88
C ARG A 27 3.76 -10.94 4.97
N LYS A 28 3.75 -12.20 5.37
CA LYS A 28 4.50 -12.63 6.52
C LYS A 28 5.84 -13.20 6.10
N ILE A 29 6.46 -12.51 5.14
CA ILE A 29 7.73 -12.93 4.59
C ILE A 29 8.73 -11.78 4.66
N ASN A 30 8.21 -10.57 4.93
CA ASN A 30 9.00 -9.33 4.97
C ASN A 30 9.98 -9.22 3.81
N GLU A 31 9.58 -9.76 2.67
CA GLU A 31 10.39 -9.68 1.46
C GLU A 31 10.13 -8.35 0.76
N ALA A 32 10.73 -8.17 -0.40
CA ALA A 32 10.58 -6.94 -1.14
C ALA A 32 9.73 -7.17 -2.35
N ILE A 33 8.89 -6.21 -2.70
CA ILE A 33 8.00 -6.38 -3.83
C ILE A 33 8.46 -5.53 -5.00
N GLN A 34 8.96 -6.19 -6.03
CA GLN A 34 9.36 -5.52 -7.26
C GLN A 34 8.42 -5.93 -8.38
N ILE A 35 7.51 -5.06 -8.73
CA ILE A 35 6.57 -5.34 -9.80
C ILE A 35 6.73 -4.35 -10.96
N GLY A 36 7.05 -4.89 -12.14
CA GLY A 36 7.07 -4.10 -13.36
C GLY A 36 8.13 -3.02 -13.37
N ALA A 37 9.08 -3.11 -12.46
CA ALA A 37 10.19 -2.16 -12.35
C ALA A 37 9.73 -0.75 -11.95
N ASP A 38 8.44 -0.58 -11.65
CA ASP A 38 7.93 0.71 -11.19
C ASP A 38 8.02 0.78 -9.68
N ILE A 39 7.56 -0.27 -9.03
CA ILE A 39 7.55 -0.30 -7.58
C ILE A 39 8.39 -1.45 -7.04
N GLU A 40 9.45 -1.11 -6.32
CA GLU A 40 10.16 -2.05 -5.47
C GLU A 40 10.37 -1.42 -4.11
N VAL A 41 9.74 -1.98 -3.10
CA VAL A 41 9.85 -1.45 -1.76
C VAL A 41 9.24 -2.42 -0.75
N LYS A 42 9.84 -2.49 0.42
CA LYS A 42 9.25 -3.19 1.54
C LYS A 42 9.27 -2.32 2.78
N VAL A 43 8.15 -1.72 3.10
CA VAL A 43 8.02 -1.01 4.35
C VAL A 43 7.37 -1.95 5.35
N ILE A 44 8.16 -2.45 6.27
CA ILE A 44 7.70 -3.48 7.16
C ILE A 44 7.13 -2.89 8.43
N ALA A 45 5.86 -3.18 8.66
CA ALA A 45 5.15 -2.65 9.81
C ALA A 45 4.51 -3.78 10.59
N VAL A 46 4.43 -3.61 11.89
CA VAL A 46 3.85 -4.62 12.75
C VAL A 46 2.36 -4.36 12.91
N GLU A 47 1.55 -5.30 12.46
CA GLU A 47 0.10 -5.16 12.48
C GLU A 47 -0.45 -5.58 13.83
N GLY A 48 0.31 -5.31 14.89
CA GLY A 48 -0.09 -5.72 16.20
C GLY A 48 0.20 -7.19 16.46
N ASP A 49 -0.38 -8.06 15.63
CA ASP A 49 -0.19 -9.50 15.77
C ASP A 49 0.20 -10.12 14.44
N GLN A 50 0.49 -9.28 13.47
CA GLN A 50 0.78 -9.75 12.12
C GLN A 50 1.92 -8.94 11.52
N VAL A 51 2.65 -9.52 10.59
CA VAL A 51 3.73 -8.82 9.92
C VAL A 51 3.38 -8.55 8.46
N LYS A 52 3.37 -7.30 8.09
CA LYS A 52 2.96 -6.92 6.76
C LYS A 52 3.89 -5.84 6.19
N LEU A 53 4.03 -5.85 4.87
CA LEU A 53 4.82 -4.85 4.18
C LEU A 53 3.91 -3.75 3.66
N GLY A 54 4.48 -2.63 3.29
CA GLY A 54 3.68 -1.57 2.74
C GLY A 54 4.39 -0.87 1.62
N ILE A 55 3.63 -0.41 0.63
CA ILE A 55 4.20 0.39 -0.43
C ILE A 55 3.74 1.84 -0.26
N ASP A 56 4.68 2.71 0.05
CA ASP A 56 4.38 4.12 0.09
C ASP A 56 5.10 4.82 -1.05
N ALA A 57 4.40 5.72 -1.68
CA ALA A 57 4.90 6.40 -2.86
C ALA A 57 4.55 7.87 -2.78
N PRO A 58 5.32 8.73 -3.49
CA PRO A 58 5.01 10.16 -3.59
C PRO A 58 3.73 10.42 -4.39
N LYS A 59 2.84 9.43 -4.37
CA LYS A 59 1.55 9.47 -5.03
C LYS A 59 1.70 9.59 -6.55
N HIS A 60 2.75 8.96 -7.07
CA HIS A 60 2.93 8.84 -8.52
C HIS A 60 1.81 7.97 -9.11
N ILE A 61 1.75 7.87 -10.41
CA ILE A 61 0.77 7.03 -11.09
C ILE A 61 1.21 5.58 -11.00
N ASP A 62 0.26 4.68 -11.03
CA ASP A 62 0.56 3.27 -10.90
C ASP A 62 0.54 2.59 -12.25
N ILE A 63 1.73 2.25 -12.73
CA ILE A 63 1.90 1.62 -14.03
C ILE A 63 1.56 0.15 -13.91
N HIS A 64 1.01 -0.45 -14.95
CA HIS A 64 0.67 -1.86 -14.90
C HIS A 64 1.05 -2.58 -16.18
N ARG A 65 1.07 -3.89 -16.07
CA ARG A 65 1.12 -4.78 -17.21
C ARG A 65 -0.28 -5.38 -17.34
N LYS A 66 -0.42 -6.50 -18.03
CA LYS A 66 -1.71 -7.16 -18.19
C LYS A 66 -2.27 -7.57 -16.83
N GLU A 67 -3.47 -7.04 -16.52
CA GLU A 67 -4.24 -7.43 -15.32
C GLU A 67 -3.59 -6.92 -14.02
N ILE A 68 -3.17 -5.65 -14.05
CA ILE A 68 -2.55 -4.92 -12.91
C ILE A 68 -1.49 -5.74 -12.15
N TYR A 69 -0.26 -5.30 -12.25
CA TYR A 69 0.84 -6.00 -11.62
C TYR A 69 1.10 -5.48 -10.20
N LEU A 70 0.41 -4.41 -9.83
CA LEU A 70 0.65 -3.71 -8.57
C LEU A 70 -0.47 -4.02 -7.61
N THR A 71 -1.63 -3.44 -7.88
CA THR A 71 -2.83 -3.71 -7.10
C THR A 71 -2.79 -3.02 -5.74
N ILE A 72 -1.61 -2.91 -5.17
CA ILE A 72 -1.45 -2.33 -3.82
C ILE A 72 -1.92 -0.88 -3.78
N GLN A 73 -1.25 0.00 -4.52
CA GLN A 73 -1.70 1.39 -4.56
C GLN A 73 -2.71 1.61 -5.66
N GLU A 74 -3.03 0.56 -6.41
CA GLU A 74 -4.08 0.65 -7.40
C GLU A 74 -5.42 0.46 -6.70
N GLU A 75 -5.43 -0.48 -5.75
CA GLU A 75 -6.57 -0.66 -4.88
C GLU A 75 -6.70 0.52 -3.92
N ASN A 76 -5.58 0.91 -3.34
CA ASN A 76 -5.53 2.10 -2.48
C ASN A 76 -5.65 3.37 -3.30
N ASN A 77 -4.50 4.00 -3.59
CA ASN A 77 -4.43 5.18 -4.47
C ASN A 77 -5.05 6.42 -3.84
N ARG A 78 -6.15 6.23 -3.14
CA ARG A 78 -7.00 7.32 -2.71
C ARG A 78 -7.57 7.04 -1.32
N ALA A 79 -8.17 5.86 -1.14
CA ALA A 79 -8.87 5.57 0.09
C ALA A 79 -9.04 4.06 0.30
N ALA A 80 -8.00 3.43 0.80
CA ALA A 80 -8.07 2.02 1.17
C ALA A 80 -8.25 1.86 2.67
N ALA A 81 -8.61 0.65 3.09
CA ALA A 81 -8.88 0.35 4.48
C ALA A 81 -7.63 -0.19 5.18
N LEU A 82 -7.80 -0.71 6.40
CA LEU A 82 -6.67 -1.21 7.18
C LEU A 82 -6.72 -2.75 7.27
N SER A 83 -5.60 -3.32 7.71
CA SER A 83 -5.46 -4.78 7.88
C SER A 83 -5.75 -5.54 6.58
N SER A 84 -7.00 -5.94 6.38
CA SER A 84 -7.38 -6.69 5.19
C SER A 84 -7.56 -5.77 4.01
N ASP A 85 -7.78 -4.49 4.28
CA ASP A 85 -8.12 -3.50 3.24
C ASP A 85 -9.25 -4.02 2.37
N VAL A 86 -10.46 -3.75 2.77
CA VAL A 86 -11.61 -4.18 2.01
C VAL A 86 -11.72 -3.35 0.73
N ILE A 87 -12.33 -2.16 0.86
CA ILE A 87 -12.45 -1.20 -0.23
C ILE A 87 -12.61 0.20 0.38
N SER A 88 -13.12 0.23 1.61
CA SER A 88 -13.26 1.46 2.39
C SER A 88 -14.46 2.28 1.93
N ALA A 89 -14.50 2.62 0.65
CA ALA A 89 -15.63 3.36 0.10
C ALA A 89 -16.66 2.39 -0.46
N LEU A 90 -17.87 2.42 0.13
CA LEU A 90 -19.00 1.59 -0.29
C LEU A 90 -18.80 0.12 0.07
N SER A 91 -17.58 -0.39 -0.14
CA SER A 91 -17.22 -1.77 0.17
C SER A 91 -17.86 -2.77 -0.80
N SER A 92 -19.16 -2.77 -0.90
CA SER A 92 -19.85 -3.60 -1.87
C SER A 92 -19.73 -2.95 -3.24
N GLN A 93 -19.92 -1.63 -3.26
CA GLN A 93 -19.81 -0.81 -4.46
C GLN A 93 -20.89 -1.14 -5.48
N LYS A 94 -21.80 -0.20 -5.68
CA LYS A 94 -22.82 -0.35 -6.69
C LYS A 94 -22.22 -0.15 -8.08
N LYS A 95 -22.24 -1.21 -8.88
CA LYS A 95 -21.71 -1.15 -10.23
C LYS A 95 -22.83 -1.36 -11.23
N HIS A 12 10.27 23.21 4.51
CA HIS A 12 10.48 23.81 5.85
C HIS A 12 10.07 22.81 6.93
N SER A 13 9.74 23.29 8.12
CA SER A 13 9.35 22.43 9.22
C SER A 13 8.08 21.63 8.88
N SER A 14 6.96 22.33 8.78
CA SER A 14 5.71 21.70 8.41
C SER A 14 5.60 21.62 6.89
N GLY A 15 6.41 20.75 6.31
CA GLY A 15 6.29 20.44 4.91
C GLY A 15 5.71 19.06 4.74
N HIS A 16 4.75 18.75 5.58
CA HIS A 16 4.20 17.41 5.67
C HIS A 16 3.17 17.20 4.58
N ILE A 17 3.56 16.44 3.56
CA ILE A 17 2.69 16.16 2.44
C ILE A 17 1.79 14.95 2.76
N GLU A 18 0.52 15.22 2.99
CA GLU A 18 -0.43 14.17 3.31
C GLU A 18 -1.25 13.82 2.08
N GLY A 19 -0.77 14.26 0.93
CA GLY A 19 -1.39 13.90 -0.33
C GLY A 19 -0.79 12.63 -0.90
N ARG A 20 0.02 11.99 -0.07
CA ARG A 20 0.67 10.73 -0.42
C ARG A 20 -0.23 9.57 0.01
N HIS A 21 0.08 8.38 -0.46
CA HIS A 21 -0.69 7.21 -0.06
C HIS A 21 0.21 6.03 0.25
N MET A 22 0.05 5.47 1.44
CA MET A 22 0.76 4.26 1.83
C MET A 22 -0.23 3.15 2.10
N LEU A 23 -0.17 2.11 1.28
CA LEU A 23 -1.10 0.99 1.41
C LEU A 23 -0.34 -0.23 1.93
N VAL A 24 -0.84 -0.81 3.02
CA VAL A 24 -0.20 -1.93 3.66
C VAL A 24 -0.85 -3.26 3.28
N LEU A 25 -0.01 -4.19 2.88
CA LEU A 25 -0.43 -5.54 2.53
C LEU A 25 0.10 -6.51 3.58
N SER A 26 -0.75 -7.40 4.06
CA SER A 26 -0.36 -8.32 5.10
C SER A 26 0.29 -9.56 4.50
N ARG A 27 1.60 -9.64 4.69
CA ARG A 27 2.41 -10.71 4.10
C ARG A 27 3.49 -11.07 5.10
N LYS A 28 3.48 -12.30 5.56
CA LYS A 28 4.25 -12.66 6.73
C LYS A 28 5.55 -13.35 6.35
N ILE A 29 5.94 -13.14 5.11
CA ILE A 29 7.16 -13.72 4.58
C ILE A 29 8.27 -12.70 4.61
N ASN A 30 7.92 -11.46 5.02
CA ASN A 30 8.84 -10.31 5.01
C ASN A 30 9.67 -10.31 3.74
N GLU A 31 8.99 -10.52 2.63
CA GLU A 31 9.61 -10.57 1.33
C GLU A 31 9.72 -9.16 0.78
N ALA A 32 10.38 -9.03 -0.35
CA ALA A 32 10.52 -7.74 -0.99
C ALA A 32 9.70 -7.71 -2.26
N ILE A 33 9.04 -6.59 -2.51
CA ILE A 33 8.12 -6.51 -3.62
C ILE A 33 8.70 -5.68 -4.75
N GLN A 34 9.02 -6.37 -5.83
CA GLN A 34 9.54 -5.74 -7.04
C GLN A 34 8.60 -6.07 -8.17
N ILE A 35 7.74 -5.11 -8.50
CA ILE A 35 6.74 -5.33 -9.52
C ILE A 35 6.94 -4.40 -10.71
N GLY A 36 7.22 -5.02 -11.84
CA GLY A 36 7.25 -4.32 -13.10
C GLY A 36 8.55 -3.57 -13.28
N ALA A 37 8.70 -2.53 -12.47
CA ALA A 37 9.80 -1.58 -12.58
C ALA A 37 9.43 -0.27 -11.88
N ASP A 38 8.13 -0.09 -11.64
CA ASP A 38 7.63 1.16 -11.08
C ASP A 38 7.74 1.15 -9.57
N ILE A 39 7.56 -0.01 -8.95
CA ILE A 39 7.64 -0.12 -7.51
C ILE A 39 8.48 -1.31 -7.08
N GLU A 40 9.49 -1.02 -6.28
CA GLU A 40 10.28 -2.04 -5.60
C GLU A 40 10.61 -1.59 -4.18
N VAL A 41 10.05 -2.30 -3.19
CA VAL A 41 10.23 -1.93 -1.79
C VAL A 41 9.43 -2.87 -0.90
N LYS A 42 9.92 -3.07 0.32
CA LYS A 42 9.17 -3.75 1.35
C LYS A 42 9.24 -2.94 2.62
N VAL A 43 8.19 -2.19 2.88
CA VAL A 43 8.09 -1.47 4.13
C VAL A 43 7.31 -2.30 5.12
N ILE A 44 8.00 -2.88 6.07
CA ILE A 44 7.38 -3.80 6.99
C ILE A 44 6.87 -3.04 8.20
N ALA A 45 5.62 -3.31 8.56
CA ALA A 45 4.98 -2.61 9.65
C ALA A 45 4.44 -3.59 10.68
N VAL A 46 4.14 -3.08 11.86
CA VAL A 46 3.68 -3.92 12.94
C VAL A 46 2.15 -4.01 12.94
N GLU A 47 1.66 -5.20 12.69
CA GLU A 47 0.22 -5.47 12.70
C GLU A 47 -0.14 -6.13 14.02
N GLY A 48 0.18 -5.45 15.13
CA GLY A 48 0.00 -6.05 16.44
C GLY A 48 1.08 -7.09 16.72
N ASP A 49 0.92 -8.24 16.09
CA ASP A 49 1.94 -9.29 16.17
C ASP A 49 2.08 -9.96 14.81
N GLN A 50 1.60 -9.27 13.79
CA GLN A 50 1.64 -9.75 12.42
C GLN A 50 2.55 -8.83 11.62
N VAL A 51 3.19 -9.38 10.60
CA VAL A 51 4.08 -8.59 9.79
C VAL A 51 3.51 -8.39 8.40
N LYS A 52 3.45 -7.16 8.01
CA LYS A 52 2.88 -6.80 6.74
C LYS A 52 3.76 -5.78 6.04
N LEU A 53 3.77 -5.83 4.71
CA LEU A 53 4.57 -4.91 3.92
C LEU A 53 3.70 -3.74 3.49
N GLY A 54 4.31 -2.67 3.06
CA GLY A 54 3.55 -1.53 2.62
C GLY A 54 4.24 -0.79 1.51
N ILE A 55 3.46 -0.23 0.60
CA ILE A 55 4.02 0.62 -0.44
C ILE A 55 3.51 2.04 -0.27
N ASP A 56 4.44 2.98 -0.25
CA ASP A 56 4.10 4.38 -0.19
C ASP A 56 4.62 5.06 -1.44
N ALA A 57 3.72 5.73 -2.15
CA ALA A 57 4.06 6.29 -3.44
C ALA A 57 3.86 7.81 -3.44
N PRO A 58 4.68 8.53 -4.21
CA PRO A 58 4.63 10.00 -4.32
C PRO A 58 3.42 10.51 -5.12
N LYS A 59 2.40 9.65 -5.19
CA LYS A 59 1.09 10.03 -5.74
C LYS A 59 1.10 10.18 -7.26
N HIS A 60 1.98 9.43 -7.92
CA HIS A 60 1.87 9.24 -9.36
C HIS A 60 0.69 8.30 -9.66
N ILE A 61 0.67 7.75 -10.87
CA ILE A 61 -0.34 6.78 -11.25
C ILE A 61 0.27 5.39 -11.20
N ASP A 62 -0.57 4.41 -10.99
CA ASP A 62 -0.12 3.05 -10.83
C ASP A 62 0.08 2.37 -12.17
N ILE A 63 1.33 2.12 -12.50
CA ILE A 63 1.71 1.51 -13.78
C ILE A 63 1.60 0.00 -13.70
N HIS A 64 1.28 -0.65 -14.81
CA HIS A 64 1.09 -2.10 -14.82
C HIS A 64 1.74 -2.71 -16.03
N ARG A 65 1.84 -4.04 -16.04
CA ARG A 65 2.50 -4.72 -17.16
C ARG A 65 1.47 -5.11 -18.21
N LYS A 66 0.74 -6.18 -17.95
CA LYS A 66 -0.40 -6.56 -18.79
C LYS A 66 -1.67 -6.34 -17.99
N GLU A 67 -1.69 -6.94 -16.81
CA GLU A 67 -2.72 -6.70 -15.84
C GLU A 67 -2.08 -5.90 -14.70
N ILE A 68 -2.83 -5.62 -13.65
CA ILE A 68 -2.28 -4.88 -12.54
C ILE A 68 -1.30 -5.76 -11.76
N TYR A 69 -0.04 -5.35 -11.77
CA TYR A 69 1.00 -6.10 -11.11
C TYR A 69 1.21 -5.64 -9.67
N LEU A 70 0.54 -4.55 -9.31
CA LEU A 70 0.73 -3.90 -8.03
C LEU A 70 -0.52 -4.07 -7.20
N THR A 71 -1.57 -3.35 -7.58
CA THR A 71 -2.88 -3.49 -6.95
C THR A 71 -2.92 -2.82 -5.59
N ILE A 72 -1.77 -2.69 -4.96
CA ILE A 72 -1.68 -2.13 -3.62
C ILE A 72 -2.11 -0.68 -3.63
N GLN A 73 -1.49 0.13 -4.48
CA GLN A 73 -1.89 1.51 -4.57
C GLN A 73 -3.06 1.68 -5.51
N GLU A 74 -3.31 0.67 -6.35
CA GLU A 74 -4.48 0.69 -7.22
C GLU A 74 -5.72 0.64 -6.35
N GLU A 75 -5.66 -0.20 -5.32
CA GLU A 75 -6.66 -0.24 -4.28
C GLU A 75 -6.77 1.13 -3.61
N ASN A 76 -5.63 1.63 -3.16
CA ASN A 76 -5.57 2.89 -2.42
C ASN A 76 -5.56 4.08 -3.37
N ASN A 77 -4.36 4.57 -3.68
CA ASN A 77 -4.14 5.68 -4.61
C ASN A 77 -4.62 7.02 -4.05
N ARG A 78 -5.39 6.96 -2.98
CA ARG A 78 -5.94 8.15 -2.36
C ARG A 78 -6.10 7.92 -0.85
N ALA A 79 -6.91 6.91 -0.50
CA ALA A 79 -7.17 6.54 0.89
C ALA A 79 -8.22 5.44 0.94
N ALA A 80 -7.79 4.21 0.66
CA ALA A 80 -8.72 3.10 0.56
C ALA A 80 -8.74 2.23 1.81
N ALA A 81 -9.86 1.54 1.98
CA ALA A 81 -10.00 0.53 3.01
C ALA A 81 -9.59 -0.84 2.47
N LEU A 82 -9.96 -1.89 3.18
CA LEU A 82 -9.64 -3.27 2.82
C LEU A 82 -8.13 -3.54 2.91
N SER A 83 -7.38 -2.55 3.34
CA SER A 83 -5.95 -2.69 3.57
C SER A 83 -5.70 -3.43 4.88
N SER A 84 -6.45 -4.51 5.08
CA SER A 84 -6.46 -5.29 6.31
C SER A 84 -7.11 -4.52 7.46
N ASP A 85 -7.05 -3.18 7.44
CA ASP A 85 -7.75 -2.37 8.43
C ASP A 85 -9.24 -2.39 8.15
N VAL A 86 -9.81 -3.58 8.30
CA VAL A 86 -11.22 -3.83 8.09
C VAL A 86 -11.60 -5.06 8.90
N ILE A 87 -10.90 -6.14 8.62
CA ILE A 87 -11.11 -7.40 9.32
C ILE A 87 -9.79 -7.95 9.85
N SER A 88 -8.69 -7.54 9.22
CA SER A 88 -7.34 -7.95 9.59
C SER A 88 -7.20 -9.47 9.67
N ALA A 89 -7.35 -10.02 10.86
CA ALA A 89 -7.32 -11.46 11.04
C ALA A 89 -8.67 -12.04 10.68
N LEU A 90 -8.67 -12.92 9.67
CA LEU A 90 -9.88 -13.56 9.18
C LEU A 90 -10.77 -12.56 8.43
N SER A 91 -10.79 -12.67 7.12
CA SER A 91 -11.62 -11.81 6.29
C SER A 91 -13.06 -12.27 6.33
N SER A 92 -13.25 -13.57 6.49
CA SER A 92 -14.57 -14.17 6.52
C SER A 92 -15.03 -14.41 7.96
N GLN A 93 -14.66 -13.49 8.85
CA GLN A 93 -15.10 -13.57 10.23
C GLN A 93 -16.58 -13.22 10.33
N LYS A 94 -17.33 -14.04 11.05
CA LYS A 94 -18.76 -13.81 11.21
C LYS A 94 -19.01 -12.83 12.35
N LYS A 95 -19.61 -11.71 12.01
CA LYS A 95 -19.88 -10.66 12.99
C LYS A 95 -21.21 -9.99 12.65
N HIS A 12 6.85 25.40 9.94
CA HIS A 12 6.57 24.08 9.35
C HIS A 12 6.92 24.07 7.87
N SER A 13 7.45 22.96 7.41
CA SER A 13 7.78 22.81 6.00
C SER A 13 7.55 21.36 5.58
N SER A 14 8.47 20.48 5.93
CA SER A 14 8.34 19.07 5.62
C SER A 14 7.60 18.36 6.74
N GLY A 15 7.47 17.04 6.64
CA GLY A 15 6.66 16.30 7.59
C GLY A 15 5.19 16.54 7.33
N HIS A 16 4.90 16.98 6.12
CA HIS A 16 3.57 17.33 5.71
C HIS A 16 3.07 16.32 4.67
N ILE A 17 1.87 15.83 4.85
CA ILE A 17 1.29 14.87 3.92
C ILE A 17 0.82 15.60 2.66
N GLU A 18 1.44 15.27 1.53
CA GLU A 18 1.14 15.94 0.27
C GLU A 18 0.04 15.21 -0.48
N GLY A 19 -0.61 14.31 0.21
CA GLY A 19 -1.63 13.49 -0.42
C GLY A 19 -1.05 12.25 -1.04
N ARG A 20 -0.02 11.70 -0.43
CA ARG A 20 0.63 10.52 -0.98
C ARG A 20 -0.07 9.28 -0.44
N HIS A 21 0.20 8.14 -1.04
CA HIS A 21 -0.47 6.92 -0.65
C HIS A 21 0.51 5.85 -0.21
N MET A 22 0.36 5.38 1.01
CA MET A 22 1.10 4.23 1.49
C MET A 22 0.12 3.11 1.82
N LEU A 23 0.08 2.11 0.95
CA LEU A 23 -0.88 1.02 1.13
C LEU A 23 -0.18 -0.20 1.69
N VAL A 24 -0.77 -0.78 2.70
CA VAL A 24 -0.12 -1.82 3.46
C VAL A 24 -0.66 -3.22 3.10
N LEU A 25 0.26 -4.13 2.82
CA LEU A 25 -0.05 -5.50 2.44
C LEU A 25 0.45 -6.48 3.50
N SER A 26 -0.29 -7.56 3.72
CA SER A 26 0.07 -8.54 4.73
C SER A 26 1.01 -9.61 4.14
N ARG A 27 2.23 -9.68 4.67
CA ARG A 27 3.21 -10.64 4.19
C ARG A 27 4.11 -11.04 5.35
N LYS A 28 4.11 -12.29 5.72
CA LYS A 28 4.83 -12.75 6.92
C LYS A 28 6.11 -13.42 6.50
N ILE A 29 6.79 -12.79 5.55
CA ILE A 29 7.91 -13.42 4.87
C ILE A 29 9.08 -12.45 4.80
N ASN A 30 8.84 -11.23 5.31
CA ASN A 30 9.78 -10.12 5.22
C ASN A 30 10.49 -10.08 3.87
N GLU A 31 9.73 -10.41 2.84
CA GLU A 31 10.24 -10.37 1.48
C GLU A 31 10.02 -9.00 0.90
N ALA A 32 10.58 -8.76 -0.26
CA ALA A 32 10.43 -7.48 -0.92
C ALA A 32 9.55 -7.63 -2.13
N ILE A 33 8.71 -6.64 -2.37
CA ILE A 33 7.79 -6.72 -3.47
C ILE A 33 8.25 -5.82 -4.61
N GLN A 34 8.68 -6.44 -5.69
CA GLN A 34 9.07 -5.72 -6.88
C GLN A 34 8.08 -6.03 -7.98
N ILE A 35 7.22 -5.08 -8.26
CA ILE A 35 6.27 -5.25 -9.34
C ILE A 35 6.49 -4.21 -10.43
N GLY A 36 7.00 -4.67 -11.56
CA GLY A 36 7.10 -3.88 -12.76
C GLY A 36 7.90 -2.60 -12.62
N ALA A 37 8.80 -2.56 -11.65
CA ALA A 37 9.75 -1.46 -11.44
C ALA A 37 9.07 -0.19 -10.93
N ASP A 38 7.75 -0.14 -10.98
CA ASP A 38 7.02 1.01 -10.44
C ASP A 38 7.12 0.99 -8.94
N ILE A 39 7.10 -0.22 -8.38
CA ILE A 39 7.09 -0.39 -6.94
C ILE A 39 8.03 -1.51 -6.54
N GLU A 40 9.05 -1.15 -5.79
CA GLU A 40 9.96 -2.11 -5.17
C GLU A 40 10.30 -1.64 -3.77
N VAL A 41 9.89 -2.38 -2.75
CA VAL A 41 10.08 -1.95 -1.37
C VAL A 41 9.38 -2.92 -0.41
N LYS A 42 9.95 -3.05 0.78
CA LYS A 42 9.30 -3.74 1.87
C LYS A 42 9.40 -2.90 3.13
N VAL A 43 8.33 -2.19 3.43
CA VAL A 43 8.27 -1.43 4.67
C VAL A 43 7.43 -2.21 5.65
N ILE A 44 8.07 -2.80 6.63
CA ILE A 44 7.39 -3.70 7.53
C ILE A 44 6.86 -2.94 8.73
N ALA A 45 5.59 -3.12 9.00
CA ALA A 45 4.93 -2.44 10.08
C ALA A 45 4.23 -3.43 11.00
N VAL A 46 3.70 -2.93 12.10
CA VAL A 46 3.11 -3.78 13.11
C VAL A 46 1.62 -3.98 12.87
N GLU A 47 1.25 -5.25 12.75
CA GLU A 47 -0.14 -5.67 12.62
C GLU A 47 -0.59 -6.26 13.96
N GLY A 48 -0.18 -5.61 15.03
CA GLY A 48 -0.40 -6.16 16.36
C GLY A 48 0.62 -7.23 16.68
N ASP A 49 0.47 -8.39 16.06
CA ASP A 49 1.40 -9.49 16.25
C ASP A 49 1.78 -10.10 14.91
N GLN A 50 1.38 -9.44 13.85
CA GLN A 50 1.62 -9.89 12.50
C GLN A 50 2.53 -8.90 11.79
N VAL A 51 3.24 -9.36 10.78
CA VAL A 51 4.12 -8.50 10.04
C VAL A 51 3.60 -8.29 8.63
N LYS A 52 3.46 -7.04 8.27
CA LYS A 52 2.97 -6.71 6.96
C LYS A 52 3.82 -5.58 6.36
N LEU A 53 3.95 -5.58 5.03
CA LEU A 53 4.74 -4.55 4.35
C LEU A 53 3.83 -3.46 3.83
N GLY A 54 4.41 -2.33 3.47
CA GLY A 54 3.61 -1.25 2.93
C GLY A 54 4.32 -0.58 1.78
N ILE A 55 3.59 -0.37 0.68
CA ILE A 55 4.16 0.32 -0.46
C ILE A 55 3.75 1.79 -0.45
N ASP A 56 4.72 2.67 -0.47
CA ASP A 56 4.45 4.09 -0.52
C ASP A 56 5.07 4.69 -1.77
N ALA A 57 4.34 5.58 -2.39
CA ALA A 57 4.74 6.16 -3.66
C ALA A 57 4.50 7.66 -3.67
N PRO A 58 5.26 8.42 -4.49
CA PRO A 58 5.16 9.89 -4.58
C PRO A 58 3.85 10.36 -5.20
N LYS A 59 2.80 9.57 -5.02
CA LYS A 59 1.45 9.90 -5.47
C LYS A 59 1.39 10.12 -6.98
N HIS A 60 2.24 9.42 -7.71
CA HIS A 60 2.08 9.28 -9.16
C HIS A 60 0.93 8.30 -9.42
N ILE A 61 0.91 7.69 -10.59
CA ILE A 61 -0.05 6.65 -10.90
C ILE A 61 0.68 5.35 -11.16
N ASP A 62 0.01 4.26 -10.91
CA ASP A 62 0.61 2.96 -11.04
C ASP A 62 0.49 2.42 -12.46
N ILE A 63 1.65 2.17 -13.05
CA ILE A 63 1.73 1.62 -14.39
C ILE A 63 1.50 0.12 -14.35
N HIS A 64 0.89 -0.43 -15.38
CA HIS A 64 0.68 -1.88 -15.46
C HIS A 64 0.91 -2.34 -16.89
N ARG A 65 0.99 -3.64 -17.08
CA ARG A 65 1.23 -4.18 -18.42
C ARG A 65 -0.10 -4.40 -19.15
N LYS A 66 -0.62 -5.61 -19.08
CA LYS A 66 -1.92 -5.92 -19.68
C LYS A 66 -2.90 -6.25 -18.56
N GLU A 67 -2.34 -6.70 -17.44
CA GLU A 67 -3.07 -6.88 -16.21
C GLU A 67 -2.51 -5.88 -15.22
N ILE A 68 -3.07 -5.79 -14.03
CA ILE A 68 -2.45 -4.95 -13.03
C ILE A 68 -1.49 -5.77 -12.18
N TYR A 69 -0.24 -5.36 -12.19
CA TYR A 69 0.79 -6.10 -11.50
C TYR A 69 0.97 -5.62 -10.06
N LEU A 70 0.27 -4.54 -9.72
CA LEU A 70 0.45 -3.88 -8.44
C LEU A 70 -0.69 -4.18 -7.51
N THR A 71 -1.84 -3.56 -7.78
CA THR A 71 -3.03 -3.78 -6.98
C THR A 71 -2.96 -3.04 -5.65
N ILE A 72 -1.78 -2.97 -5.07
CA ILE A 72 -1.59 -2.35 -3.76
C ILE A 72 -1.99 -0.88 -3.80
N GLN A 73 -1.31 -0.08 -4.62
CA GLN A 73 -1.68 1.33 -4.73
C GLN A 73 -2.83 1.51 -5.70
N GLU A 74 -3.15 0.47 -6.45
CA GLU A 74 -4.28 0.54 -7.38
C GLU A 74 -5.57 0.48 -6.56
N GLU A 75 -5.58 -0.42 -5.59
CA GLU A 75 -6.64 -0.47 -4.59
C GLU A 75 -6.77 0.87 -3.88
N ASN A 76 -5.62 1.42 -3.51
CA ASN A 76 -5.57 2.67 -2.76
C ASN A 76 -5.38 3.86 -3.67
N ASN A 77 -4.12 4.29 -3.82
CA ASN A 77 -3.73 5.49 -4.59
C ASN A 77 -4.26 6.76 -3.92
N ARG A 78 -5.56 6.83 -3.79
CA ARG A 78 -6.20 7.90 -3.05
C ARG A 78 -6.26 7.56 -1.57
N ALA A 79 -7.12 6.59 -1.24
CA ALA A 79 -7.33 6.18 0.14
C ALA A 79 -8.31 5.03 0.20
N ALA A 80 -7.80 3.81 0.16
CA ALA A 80 -8.64 2.63 0.29
C ALA A 80 -8.63 2.12 1.72
N ALA A 81 -9.75 1.54 2.14
CA ALA A 81 -9.90 0.91 3.46
C ALA A 81 -9.91 1.95 4.59
N LEU A 82 -9.82 3.22 4.24
CA LEU A 82 -9.86 4.29 5.24
C LEU A 82 -11.24 4.36 5.86
N SER A 83 -11.31 3.99 7.14
CA SER A 83 -12.57 3.93 7.87
C SER A 83 -13.54 2.94 7.22
N SER A 84 -13.03 2.13 6.32
CA SER A 84 -13.80 1.15 5.58
C SER A 84 -13.07 -0.17 5.63
N ASP A 85 -12.48 -0.42 6.80
CA ASP A 85 -11.65 -1.59 7.08
C ASP A 85 -12.31 -2.88 6.63
N VAL A 86 -11.87 -3.39 5.48
CA VAL A 86 -12.35 -4.67 4.98
C VAL A 86 -11.66 -5.80 5.73
N ILE A 87 -10.38 -5.99 5.40
CA ILE A 87 -9.55 -6.97 6.08
C ILE A 87 -8.09 -6.53 6.04
N SER A 88 -7.63 -6.11 4.85
CA SER A 88 -6.24 -5.70 4.63
C SER A 88 -5.29 -6.89 4.70
N ALA A 89 -5.36 -7.62 5.80
CA ALA A 89 -4.59 -8.83 5.94
C ALA A 89 -5.46 -10.03 5.64
N LEU A 90 -5.11 -10.76 4.56
CA LEU A 90 -5.82 -11.97 4.15
C LEU A 90 -7.26 -11.63 3.79
N SER A 91 -7.52 -11.54 2.49
CA SER A 91 -8.79 -11.08 1.96
C SER A 91 -9.93 -12.08 2.18
N SER A 92 -10.25 -12.32 3.46
CA SER A 92 -11.29 -13.28 3.87
C SER A 92 -10.85 -14.70 3.53
N GLN A 93 -9.66 -14.81 2.98
CA GLN A 93 -9.14 -16.08 2.52
C GLN A 93 -8.21 -16.70 3.56
N LYS A 94 -8.67 -17.75 4.22
CA LYS A 94 -7.84 -18.48 5.13
C LYS A 94 -7.12 -19.59 4.38
N LYS A 95 -5.83 -19.38 4.16
CA LYS A 95 -5.00 -20.32 3.43
C LYS A 95 -3.87 -20.82 4.31
N HIS A 12 -2.88 17.21 15.30
CA HIS A 12 -1.61 17.18 16.06
C HIS A 12 -0.54 18.03 15.36
N SER A 13 0.10 17.47 14.33
CA SER A 13 1.11 18.22 13.59
C SER A 13 1.30 17.58 12.21
N SER A 14 1.72 16.32 12.19
CA SER A 14 1.96 15.61 10.95
C SER A 14 0.67 14.98 10.43
N GLY A 15 -0.42 15.73 10.52
CA GLY A 15 -1.67 15.30 9.94
C GLY A 15 -1.76 15.75 8.50
N HIS A 16 -0.76 16.53 8.10
CA HIS A 16 -0.63 16.98 6.73
C HIS A 16 -0.11 15.85 5.85
N ILE A 17 -0.81 15.57 4.78
CA ILE A 17 -0.35 14.59 3.82
C ILE A 17 0.37 15.29 2.68
N GLU A 18 1.62 14.90 2.47
CA GLU A 18 2.48 15.56 1.50
C GLU A 18 2.21 15.06 0.07
N GLY A 19 0.96 14.69 -0.19
CA GLY A 19 0.61 14.17 -1.50
C GLY A 19 1.26 12.84 -1.78
N ARG A 20 1.31 12.01 -0.77
CA ARG A 20 1.88 10.68 -0.86
C ARG A 20 0.92 9.68 -0.23
N HIS A 21 1.13 8.41 -0.47
CA HIS A 21 0.42 7.39 0.28
C HIS A 21 1.32 6.18 0.51
N MET A 22 1.23 5.62 1.68
CA MET A 22 1.92 4.38 1.97
C MET A 22 0.87 3.32 2.28
N LEU A 23 0.62 2.44 1.32
CA LEU A 23 -0.35 1.40 1.52
C LEU A 23 0.36 0.11 1.83
N VAL A 24 -0.01 -0.46 2.95
CA VAL A 24 0.68 -1.62 3.49
C VAL A 24 -0.09 -2.92 3.18
N LEU A 25 0.66 -3.94 2.79
CA LEU A 25 0.12 -5.22 2.35
C LEU A 25 0.39 -6.27 3.41
N SER A 26 -0.57 -7.12 3.66
CA SER A 26 -0.42 -8.10 4.72
C SER A 26 0.29 -9.34 4.19
N ARG A 27 1.54 -9.48 4.58
CA ARG A 27 2.39 -10.57 4.13
C ARG A 27 3.35 -10.89 5.25
N LYS A 28 3.23 -12.07 5.80
CA LYS A 28 3.93 -12.39 7.03
C LYS A 28 5.26 -13.03 6.69
N ILE A 29 5.74 -12.64 5.52
CA ILE A 29 6.89 -13.25 4.90
C ILE A 29 8.07 -12.29 4.90
N ASN A 30 7.78 -11.00 5.07
CA ASN A 30 8.78 -9.92 5.02
C ASN A 30 9.57 -10.00 3.74
N GLU A 31 8.90 -10.47 2.70
CA GLU A 31 9.51 -10.61 1.40
C GLU A 31 9.70 -9.25 0.75
N ALA A 32 10.36 -9.24 -0.38
CA ALA A 32 10.62 -8.00 -1.08
C ALA A 32 9.79 -7.96 -2.34
N ILE A 33 9.08 -6.86 -2.54
CA ILE A 33 8.13 -6.79 -3.62
C ILE A 33 8.65 -5.91 -4.75
N GLN A 34 8.98 -6.55 -5.86
CA GLN A 34 9.35 -5.85 -7.08
C GLN A 34 8.36 -6.23 -8.15
N ILE A 35 7.42 -5.35 -8.41
CA ILE A 35 6.48 -5.57 -9.49
C ILE A 35 6.76 -4.63 -10.63
N GLY A 36 7.21 -5.22 -11.73
CA GLY A 36 7.44 -4.52 -12.96
C GLY A 36 8.68 -3.68 -12.94
N ALA A 37 8.64 -2.57 -12.23
CA ALA A 37 9.75 -1.64 -12.19
C ALA A 37 9.38 -0.41 -11.37
N ASP A 38 8.10 -0.09 -11.36
CA ASP A 38 7.61 1.08 -10.66
C ASP A 38 7.67 0.86 -9.15
N ILE A 39 7.43 -0.38 -8.71
CA ILE A 39 7.43 -0.65 -7.29
C ILE A 39 8.40 -1.77 -6.93
N GLU A 40 9.47 -1.40 -6.26
CA GLU A 40 10.38 -2.34 -5.63
C GLU A 40 10.70 -1.86 -4.21
N VAL A 41 10.24 -2.59 -3.20
CA VAL A 41 10.47 -2.18 -1.83
C VAL A 41 9.85 -3.17 -0.82
N LYS A 42 10.48 -3.29 0.33
CA LYS A 42 9.87 -3.91 1.49
C LYS A 42 10.07 -3.03 2.71
N VAL A 43 9.05 -2.25 3.01
CA VAL A 43 9.04 -1.50 4.25
C VAL A 43 8.06 -2.15 5.21
N ILE A 44 8.61 -2.76 6.23
CA ILE A 44 7.83 -3.60 7.12
C ILE A 44 7.24 -2.76 8.25
N ALA A 45 5.97 -2.95 8.48
CA ALA A 45 5.26 -2.20 9.49
C ALA A 45 4.57 -3.14 10.45
N VAL A 46 4.24 -2.66 11.64
CA VAL A 46 3.63 -3.49 12.65
C VAL A 46 2.12 -3.48 12.54
N GLU A 47 1.54 -4.67 12.42
CA GLU A 47 0.12 -4.85 12.32
C GLU A 47 -0.41 -5.42 13.65
N GLY A 48 0.02 -4.81 14.74
CA GLY A 48 -0.30 -5.34 16.05
C GLY A 48 0.55 -6.55 16.37
N ASP A 49 0.12 -7.70 15.85
CA ASP A 49 0.87 -8.95 15.99
C ASP A 49 0.91 -9.67 14.66
N GLN A 50 0.68 -8.91 13.61
CA GLN A 50 0.78 -9.40 12.25
C GLN A 50 1.90 -8.63 11.57
N VAL A 51 2.60 -9.27 10.65
CA VAL A 51 3.70 -8.59 9.99
C VAL A 51 3.33 -8.32 8.53
N LYS A 52 3.41 -7.06 8.15
CA LYS A 52 3.06 -6.69 6.81
C LYS A 52 4.05 -5.69 6.22
N LEU A 53 4.29 -5.79 4.93
CA LEU A 53 5.18 -4.88 4.22
C LEU A 53 4.36 -3.84 3.49
N GLY A 54 4.96 -2.75 3.06
CA GLY A 54 4.17 -1.70 2.47
C GLY A 54 4.76 -1.13 1.20
N ILE A 55 3.90 -0.63 0.32
CA ILE A 55 4.36 0.12 -0.83
C ILE A 55 4.00 1.59 -0.65
N ASP A 56 5.00 2.44 -0.72
CA ASP A 56 4.79 3.87 -0.56
C ASP A 56 5.13 4.62 -1.84
N ALA A 57 4.20 5.44 -2.29
CA ALA A 57 4.35 6.18 -3.53
C ALA A 57 3.85 7.61 -3.37
N PRO A 58 4.48 8.56 -4.08
CA PRO A 58 4.11 9.99 -4.01
C PRO A 58 2.82 10.29 -4.76
N LYS A 59 1.82 9.42 -4.60
CA LYS A 59 0.49 9.59 -5.18
C LYS A 59 0.52 9.76 -6.69
N HIS A 60 1.52 9.18 -7.33
CA HIS A 60 1.56 9.08 -8.78
C HIS A 60 0.45 8.13 -9.24
N ILE A 61 0.43 7.83 -10.52
CA ILE A 61 -0.44 6.80 -11.03
C ILE A 61 0.36 5.51 -11.06
N ASP A 62 -0.28 4.39 -10.81
CA ASP A 62 0.42 3.14 -10.76
C ASP A 62 0.44 2.48 -12.14
N ILE A 63 1.66 2.27 -12.63
CA ILE A 63 1.86 1.77 -13.97
C ILE A 63 1.80 0.26 -13.99
N HIS A 64 1.18 -0.30 -15.02
CA HIS A 64 1.08 -1.75 -15.15
C HIS A 64 1.46 -2.18 -16.55
N ARG A 65 1.66 -3.46 -16.74
CA ARG A 65 2.04 -3.99 -18.04
C ARG A 65 1.13 -5.15 -18.41
N LYS A 66 0.23 -4.88 -19.36
CA LYS A 66 -0.81 -5.84 -19.75
C LYS A 66 -1.84 -5.99 -18.63
N GLU A 67 -1.41 -6.59 -17.54
CA GLU A 67 -2.24 -6.78 -16.37
C GLU A 67 -1.70 -5.92 -15.23
N ILE A 68 -2.53 -5.58 -14.26
CA ILE A 68 -2.07 -4.75 -13.16
C ILE A 68 -1.16 -5.55 -12.24
N TYR A 69 0.07 -5.13 -12.16
CA TYR A 69 1.03 -5.83 -11.34
C TYR A 69 1.07 -5.26 -9.92
N LEU A 70 0.40 -4.13 -9.71
CA LEU A 70 0.37 -3.48 -8.41
C LEU A 70 -0.78 -3.97 -7.55
N THR A 71 -1.96 -3.38 -7.78
CA THR A 71 -3.20 -3.66 -7.02
C THR A 71 -3.13 -3.16 -5.57
N ILE A 72 -1.92 -3.00 -5.04
CA ILE A 72 -1.76 -2.60 -3.64
C ILE A 72 -2.23 -1.17 -3.45
N GLN A 73 -1.60 -0.23 -4.14
CA GLN A 73 -2.04 1.15 -4.06
C GLN A 73 -3.27 1.35 -4.93
N GLU A 74 -3.42 0.50 -5.94
CA GLU A 74 -4.52 0.63 -6.88
C GLU A 74 -5.84 0.38 -6.17
N GLU A 75 -5.85 -0.64 -5.31
CA GLU A 75 -6.98 -0.92 -4.44
C GLU A 75 -7.23 0.22 -3.46
N ASN A 76 -6.16 0.86 -3.06
CA ASN A 76 -6.23 1.87 -2.01
C ASN A 76 -6.07 3.27 -2.59
N ASN A 77 -4.83 3.75 -2.63
CA ASN A 77 -4.48 5.02 -3.29
C ASN A 77 -5.08 6.22 -2.56
N ARG A 78 -6.36 6.40 -2.77
CA ARG A 78 -7.11 7.49 -2.19
C ARG A 78 -7.66 7.09 -0.82
N ALA A 79 -8.07 5.83 -0.72
CA ALA A 79 -8.65 5.31 0.50
C ALA A 79 -7.91 4.06 0.96
N ALA A 80 -6.82 4.27 1.65
CA ALA A 80 -6.05 3.18 2.21
C ALA A 80 -6.45 2.93 3.66
N ALA A 81 -6.92 1.71 3.95
CA ALA A 81 -7.38 1.39 5.30
C ALA A 81 -7.05 -0.04 5.68
N LEU A 82 -6.17 -0.69 4.91
CA LEU A 82 -5.84 -2.08 5.16
C LEU A 82 -4.78 -2.22 6.25
N SER A 83 -5.24 -2.22 7.49
CA SER A 83 -4.40 -2.42 8.66
C SER A 83 -5.29 -2.83 9.83
N SER A 84 -5.28 -4.13 10.14
CA SER A 84 -6.12 -4.71 11.18
C SER A 84 -7.61 -4.57 10.87
N ASP A 85 -7.91 -3.95 9.72
CA ASP A 85 -9.28 -3.64 9.31
C ASP A 85 -10.04 -3.02 10.46
N VAL A 86 -9.61 -1.81 10.82
CA VAL A 86 -10.15 -1.08 11.95
C VAL A 86 -11.68 -0.97 11.88
N ILE A 87 -12.13 -0.07 11.03
CA ILE A 87 -13.55 0.13 10.82
C ILE A 87 -13.86 0.09 9.33
N SER A 88 -12.99 0.75 8.56
CA SER A 88 -13.02 0.72 7.09
C SER A 88 -14.18 1.55 6.54
N ALA A 89 -15.41 1.16 6.87
CA ALA A 89 -16.57 1.95 6.48
C ALA A 89 -16.96 2.89 7.60
N LEU A 90 -16.90 4.19 7.31
CA LEU A 90 -17.22 5.22 8.29
C LEU A 90 -16.25 5.16 9.48
N SER A 91 -14.96 5.18 9.18
CA SER A 91 -13.93 5.15 10.21
C SER A 91 -14.06 6.36 11.14
N SER A 92 -13.62 6.19 12.38
CA SER A 92 -13.79 7.21 13.42
C SER A 92 -15.28 7.48 13.64
N GLN A 93 -15.99 6.42 14.03
CA GLN A 93 -17.43 6.49 14.21
C GLN A 93 -17.80 7.42 15.37
N LYS A 94 -18.77 8.27 15.12
CA LYS A 94 -19.28 9.14 16.15
C LYS A 94 -20.34 8.41 16.94
N LYS A 95 -20.02 8.02 18.16
CA LYS A 95 -20.95 7.31 19.02
C LYS A 95 -21.23 8.13 20.27
N HIS A 12 10.31 25.48 9.79
CA HIS A 12 9.12 25.84 8.99
C HIS A 12 8.05 24.77 9.15
N SER A 13 6.78 25.16 9.07
CA SER A 13 5.68 24.23 9.27
C SER A 13 4.92 23.96 7.98
N SER A 14 4.08 22.92 8.00
CA SER A 14 3.20 22.55 6.88
C SER A 14 3.99 22.23 5.61
N GLY A 15 5.26 21.92 5.77
CA GLY A 15 6.04 21.41 4.66
C GLY A 15 5.86 19.92 4.52
N HIS A 16 5.11 19.35 5.46
CA HIS A 16 4.79 17.94 5.44
C HIS A 16 3.70 17.68 4.43
N ILE A 17 4.07 17.11 3.30
CA ILE A 17 3.12 16.85 2.24
C ILE A 17 2.56 15.43 2.39
N GLU A 18 1.25 15.35 2.57
CA GLU A 18 0.58 14.07 2.66
C GLU A 18 0.18 13.58 1.28
N GLY A 19 0.82 14.16 0.28
CA GLY A 19 0.64 13.73 -1.09
C GLY A 19 1.44 12.48 -1.40
N ARG A 20 1.39 11.54 -0.47
CA ARG A 20 2.02 10.24 -0.64
C ARG A 20 1.00 9.18 -0.24
N HIS A 21 0.97 8.06 -0.95
CA HIS A 21 0.06 6.99 -0.56
C HIS A 21 0.86 5.80 -0.05
N MET A 22 0.54 5.35 1.15
CA MET A 22 1.16 4.16 1.72
C MET A 22 0.09 3.10 1.94
N LEU A 23 0.17 2.03 1.18
CA LEU A 23 -0.82 0.96 1.29
C LEU A 23 -0.16 -0.31 1.79
N VAL A 24 -0.74 -0.89 2.83
CA VAL A 24 -0.18 -2.05 3.47
C VAL A 24 -0.78 -3.36 2.92
N LEU A 25 0.11 -4.26 2.54
CA LEU A 25 -0.27 -5.61 2.12
C LEU A 25 0.22 -6.62 3.15
N SER A 26 -0.61 -7.60 3.47
CA SER A 26 -0.25 -8.56 4.49
C SER A 26 0.54 -9.72 3.89
N ARG A 27 1.82 -9.75 4.19
CA ARG A 27 2.72 -10.77 3.68
C ARG A 27 3.77 -11.04 4.73
N LYS A 28 3.81 -12.25 5.23
CA LYS A 28 4.53 -12.53 6.46
C LYS A 28 5.84 -13.24 6.16
N ILE A 29 6.79 -12.47 5.66
CA ILE A 29 8.09 -12.99 5.26
C ILE A 29 9.18 -11.98 5.54
N ASN A 30 8.87 -10.73 5.21
CA ASN A 30 9.83 -9.62 5.22
C ASN A 30 10.92 -9.84 4.18
N GLU A 31 10.96 -8.90 3.24
CA GLU A 31 11.82 -8.96 2.07
C GLU A 31 11.68 -7.65 1.31
N ALA A 32 11.41 -7.73 0.02
CA ALA A 32 11.09 -6.55 -0.77
C ALA A 32 10.17 -6.92 -1.92
N ILE A 33 9.28 -6.01 -2.29
CA ILE A 33 8.34 -6.26 -3.37
C ILE A 33 8.72 -5.44 -4.60
N GLN A 34 9.02 -6.14 -5.68
CA GLN A 34 9.37 -5.50 -6.93
C GLN A 34 8.42 -5.95 -8.04
N ILE A 35 7.43 -5.11 -8.34
CA ILE A 35 6.48 -5.42 -9.38
C ILE A 35 6.54 -4.40 -10.50
N GLY A 36 6.74 -4.90 -11.72
CA GLY A 36 6.74 -4.05 -12.90
C GLY A 36 7.85 -3.01 -12.92
N ALA A 37 8.73 -3.07 -11.92
CA ALA A 37 9.85 -2.13 -11.78
C ALA A 37 9.38 -0.71 -11.47
N ASP A 38 8.07 -0.53 -11.23
CA ASP A 38 7.54 0.78 -10.86
C ASP A 38 7.56 0.92 -9.35
N ILE A 39 7.21 -0.16 -8.67
CA ILE A 39 7.19 -0.17 -7.22
C ILE A 39 8.15 -1.22 -6.68
N GLU A 40 9.08 -0.79 -5.84
CA GLU A 40 10.03 -1.68 -5.20
C GLU A 40 10.26 -1.28 -3.73
N VAL A 41 9.81 -2.14 -2.81
CA VAL A 41 9.99 -1.89 -1.37
C VAL A 41 9.12 -2.84 -0.52
N LYS A 42 9.57 -3.11 0.69
CA LYS A 42 8.73 -3.65 1.73
C LYS A 42 8.90 -2.84 2.99
N VAL A 43 7.97 -1.93 3.24
CA VAL A 43 7.95 -1.23 4.50
C VAL A 43 7.20 -2.10 5.48
N ILE A 44 7.93 -2.73 6.38
CA ILE A 44 7.34 -3.68 7.29
C ILE A 44 6.76 -2.98 8.49
N ALA A 45 5.52 -3.29 8.76
CA ALA A 45 4.82 -2.71 9.89
C ALA A 45 4.25 -3.82 10.75
N VAL A 46 4.16 -3.58 12.04
CA VAL A 46 3.69 -4.60 12.95
C VAL A 46 2.19 -4.48 13.12
N GLU A 47 1.48 -5.45 12.59
CA GLU A 47 0.02 -5.49 12.64
C GLU A 47 -0.43 -6.03 13.99
N GLY A 48 0.30 -5.68 15.03
CA GLY A 48 0.05 -6.24 16.33
C GLY A 48 0.63 -7.64 16.45
N ASP A 49 0.04 -8.57 15.73
CA ASP A 49 0.49 -9.96 15.73
C ASP A 49 0.77 -10.44 14.31
N GLN A 50 0.65 -9.55 13.34
CA GLN A 50 0.85 -9.91 11.95
C GLN A 50 1.99 -9.09 11.34
N VAL A 51 2.66 -9.67 10.36
CA VAL A 51 3.69 -8.93 9.63
C VAL A 51 3.19 -8.59 8.24
N LYS A 52 3.11 -7.31 7.95
CA LYS A 52 2.63 -6.86 6.68
C LYS A 52 3.51 -5.76 6.12
N LEU A 53 3.61 -5.69 4.81
CA LEU A 53 4.42 -4.69 4.13
C LEU A 53 3.56 -3.50 3.73
N GLY A 54 4.20 -2.41 3.42
CA GLY A 54 3.49 -1.27 2.88
C GLY A 54 4.24 -0.65 1.73
N ILE A 55 3.55 -0.34 0.65
CA ILE A 55 4.18 0.32 -0.47
C ILE A 55 3.85 1.81 -0.43
N ASP A 56 4.87 2.63 -0.37
CA ASP A 56 4.67 4.06 -0.46
C ASP A 56 5.28 4.60 -1.75
N ALA A 57 4.57 5.51 -2.36
CA ALA A 57 4.99 6.10 -3.60
C ALA A 57 4.73 7.60 -3.57
N PRO A 58 5.48 8.39 -4.35
CA PRO A 58 5.31 9.85 -4.43
C PRO A 58 3.99 10.25 -5.09
N LYS A 59 3.03 9.32 -5.06
CA LYS A 59 1.67 9.54 -5.55
C LYS A 59 1.62 9.81 -7.05
N HIS A 60 2.57 9.24 -7.77
CA HIS A 60 2.48 9.17 -9.23
C HIS A 60 1.37 8.21 -9.63
N ILE A 61 1.27 7.95 -10.93
CA ILE A 61 0.34 6.95 -11.44
C ILE A 61 0.99 5.58 -11.38
N ASP A 62 0.17 4.56 -11.27
CA ASP A 62 0.67 3.22 -11.15
C ASP A 62 0.58 2.47 -12.47
N ILE A 63 1.74 2.05 -12.97
CA ILE A 63 1.82 1.38 -14.27
C ILE A 63 1.48 -0.09 -14.13
N HIS A 64 0.88 -0.68 -15.17
CA HIS A 64 0.57 -2.11 -15.17
C HIS A 64 0.79 -2.69 -16.55
N ARG A 65 0.78 -4.01 -16.66
CA ARG A 65 0.97 -4.66 -17.96
C ARG A 65 -0.37 -5.08 -18.55
N LYS A 66 -0.61 -6.37 -18.69
CA LYS A 66 -1.92 -6.87 -19.09
C LYS A 66 -2.92 -6.57 -17.99
N GLU A 67 -2.72 -7.23 -16.86
CA GLU A 67 -3.52 -6.99 -15.68
C GLU A 67 -2.77 -6.03 -14.76
N ILE A 68 -3.35 -5.72 -13.62
CA ILE A 68 -2.66 -4.90 -12.66
C ILE A 68 -1.70 -5.75 -11.85
N TYR A 69 -0.43 -5.41 -11.92
CA TYR A 69 0.61 -6.18 -11.26
C TYR A 69 0.82 -5.68 -9.84
N LEU A 70 0.13 -4.60 -9.49
CA LEU A 70 0.31 -3.91 -8.23
C LEU A 70 -0.83 -4.26 -7.30
N THR A 71 -1.99 -3.64 -7.54
CA THR A 71 -3.18 -3.93 -6.77
C THR A 71 -3.00 -3.50 -5.31
N ILE A 72 -1.99 -2.65 -5.06
CA ILE A 72 -1.78 -2.09 -3.73
C ILE A 72 -2.13 -0.61 -3.75
N GLN A 73 -1.37 0.16 -4.52
CA GLN A 73 -1.62 1.59 -4.64
C GLN A 73 -2.68 1.89 -5.68
N GLU A 74 -3.19 0.85 -6.31
CA GLU A 74 -4.25 1.01 -7.28
C GLU A 74 -5.58 0.83 -6.56
N GLU A 75 -5.57 -0.06 -5.57
CA GLU A 75 -6.65 -0.16 -4.60
C GLU A 75 -6.68 1.12 -3.77
N ASN A 76 -5.50 1.52 -3.32
CA ASN A 76 -5.34 2.72 -2.54
C ASN A 76 -5.26 3.96 -3.42
N ASN A 77 -4.04 4.49 -3.57
CA ASN A 77 -3.81 5.77 -4.24
C ASN A 77 -4.42 6.92 -3.43
N ARG A 78 -5.67 6.73 -3.04
CA ARG A 78 -6.46 7.72 -2.32
C ARG A 78 -6.84 7.23 -0.92
N ALA A 79 -7.76 6.26 -0.84
CA ALA A 79 -8.34 5.84 0.42
C ALA A 79 -7.65 4.60 0.97
N ALA A 80 -6.43 4.79 1.45
CA ALA A 80 -5.67 3.73 2.12
C ALA A 80 -6.37 3.21 3.37
N ALA A 81 -6.08 1.96 3.70
CA ALA A 81 -6.54 1.33 4.93
C ALA A 81 -5.35 0.71 5.66
N LEU A 82 -5.42 0.65 6.99
CA LEU A 82 -4.27 0.20 7.77
C LEU A 82 -4.64 -0.96 8.69
N SER A 83 -3.62 -1.59 9.28
CA SER A 83 -3.74 -2.64 10.28
C SER A 83 -4.73 -3.75 9.91
N SER A 84 -6.00 -3.54 10.25
CA SER A 84 -7.03 -4.58 10.19
C SER A 84 -7.21 -5.19 8.80
N ASP A 85 -6.62 -4.55 7.79
CA ASP A 85 -6.64 -5.09 6.43
C ASP A 85 -8.07 -5.18 5.93
N VAL A 86 -8.87 -4.22 6.37
CA VAL A 86 -10.28 -4.13 6.02
C VAL A 86 -10.45 -3.91 4.53
N ILE A 87 -9.41 -3.31 3.92
CA ILE A 87 -9.44 -2.89 2.52
C ILE A 87 -10.22 -1.58 2.36
N SER A 88 -11.36 -1.50 3.07
CA SER A 88 -12.20 -0.31 3.09
C SER A 88 -12.86 -0.05 1.75
N ALA A 89 -12.07 0.34 0.75
CA ALA A 89 -12.58 0.52 -0.59
C ALA A 89 -12.63 -0.82 -1.28
N LEU A 90 -13.84 -1.25 -1.65
CA LEU A 90 -14.05 -2.55 -2.27
C LEU A 90 -13.49 -3.66 -1.38
N SER A 91 -13.93 -3.66 -0.13
CA SER A 91 -13.51 -4.65 0.85
C SER A 91 -13.88 -6.06 0.37
N SER A 92 -14.92 -6.14 -0.43
CA SER A 92 -15.35 -7.41 -0.98
C SER A 92 -14.87 -7.53 -2.43
N GLN A 93 -13.65 -7.04 -2.67
CA GLN A 93 -13.01 -7.15 -3.99
C GLN A 93 -12.96 -8.61 -4.42
N LYS A 94 -13.51 -8.87 -5.60
CA LYS A 94 -13.65 -10.23 -6.10
C LYS A 94 -12.60 -10.54 -7.16
N LYS A 95 -11.99 -11.71 -7.04
CA LYS A 95 -11.07 -12.21 -8.05
C LYS A 95 -11.32 -13.70 -8.25
N HIS A 12 5.91 26.81 10.44
CA HIS A 12 7.27 26.24 10.45
C HIS A 12 7.54 25.49 9.15
N SER A 13 6.88 24.36 8.97
CA SER A 13 7.08 23.54 7.79
C SER A 13 5.76 22.97 7.29
N SER A 14 4.66 23.68 7.53
CA SER A 14 3.34 23.21 7.12
C SER A 14 3.16 23.43 5.62
N GLY A 15 4.10 24.15 5.02
CA GLY A 15 4.11 24.32 3.57
C GLY A 15 4.66 23.08 2.88
N HIS A 16 4.95 22.06 3.68
CA HIS A 16 5.42 20.78 3.18
C HIS A 16 4.28 20.07 2.46
N ILE A 17 4.53 19.63 1.23
CA ILE A 17 3.48 19.00 0.44
C ILE A 17 3.26 17.56 0.90
N GLU A 18 2.01 17.21 1.05
CA GLU A 18 1.63 15.84 1.38
C GLU A 18 0.64 15.36 0.34
N GLY A 19 0.09 14.17 0.54
CA GLY A 19 -0.80 13.60 -0.45
C GLY A 19 -0.28 12.29 -0.96
N ARG A 20 0.68 11.73 -0.25
CA ARG A 20 1.27 10.47 -0.66
C ARG A 20 0.48 9.33 -0.04
N HIS A 21 0.71 8.13 -0.52
CA HIS A 21 -0.03 6.99 -0.03
C HIS A 21 0.89 5.81 0.22
N MET A 22 0.78 5.25 1.41
CA MET A 22 1.46 4.02 1.74
C MET A 22 0.42 2.95 2.00
N LEU A 23 0.33 1.97 1.12
CA LEU A 23 -0.66 0.93 1.27
C LEU A 23 0.01 -0.29 1.85
N VAL A 24 -0.46 -0.64 3.03
CA VAL A 24 0.06 -1.76 3.75
C VAL A 24 -0.57 -3.06 3.27
N LEU A 25 0.28 -3.98 2.84
CA LEU A 25 -0.15 -5.29 2.41
C LEU A 25 0.26 -6.29 3.46
N SER A 26 -0.69 -7.05 3.96
CA SER A 26 -0.43 -7.95 5.07
C SER A 26 0.06 -9.29 4.55
N ARG A 27 1.36 -9.50 4.65
CA ARG A 27 1.99 -10.67 4.08
C ARG A 27 3.14 -11.10 4.96
N LYS A 28 3.07 -12.30 5.48
CA LYS A 28 3.93 -12.73 6.56
C LYS A 28 5.17 -13.41 6.03
N ILE A 29 5.69 -12.82 4.96
CA ILE A 29 6.89 -13.31 4.32
C ILE A 29 7.99 -12.29 4.51
N ASN A 30 7.56 -11.04 4.78
CA ASN A 30 8.45 -9.88 4.89
C ASN A 30 9.54 -9.90 3.84
N GLU A 31 9.14 -10.27 2.63
CA GLU A 31 10.02 -10.26 1.48
C GLU A 31 10.01 -8.87 0.86
N ALA A 32 10.57 -8.75 -0.32
CA ALA A 32 10.62 -7.47 -1.01
C ALA A 32 9.69 -7.50 -2.22
N ILE A 33 8.95 -6.42 -2.43
CA ILE A 33 7.99 -6.39 -3.50
C ILE A 33 8.48 -5.49 -4.63
N GLN A 34 8.83 -6.12 -5.74
CA GLN A 34 9.18 -5.41 -6.96
C GLN A 34 8.29 -5.89 -8.09
N ILE A 35 7.37 -5.04 -8.49
CA ILE A 35 6.48 -5.36 -9.58
C ILE A 35 6.69 -4.41 -10.76
N GLY A 36 7.00 -5.02 -11.91
CA GLY A 36 7.18 -4.29 -13.14
C GLY A 36 8.51 -3.58 -13.19
N ALA A 37 8.64 -2.56 -12.34
CA ALA A 37 9.82 -1.73 -12.25
C ALA A 37 9.50 -0.50 -11.42
N ASP A 38 8.23 -0.10 -11.48
CA ASP A 38 7.78 1.13 -10.86
C ASP A 38 7.75 1.01 -9.35
N ILE A 39 7.51 -0.18 -8.82
CA ILE A 39 7.36 -0.31 -7.38
C ILE A 39 8.37 -1.29 -6.81
N GLU A 40 9.36 -0.72 -6.15
CA GLU A 40 10.33 -1.48 -5.37
C GLU A 40 10.28 -1.02 -3.92
N VAL A 41 9.82 -1.87 -3.01
CA VAL A 41 9.71 -1.47 -1.61
C VAL A 41 9.20 -2.59 -0.70
N LYS A 42 9.85 -2.71 0.45
CA LYS A 42 9.32 -3.48 1.57
C LYS A 42 9.41 -2.67 2.86
N VAL A 43 8.31 -2.07 3.24
CA VAL A 43 8.24 -1.36 4.50
C VAL A 43 7.46 -2.20 5.50
N ILE A 44 8.16 -2.77 6.45
CA ILE A 44 7.54 -3.69 7.38
C ILE A 44 7.05 -2.94 8.61
N ALA A 45 5.77 -3.11 8.90
CA ALA A 45 5.13 -2.33 9.94
C ALA A 45 4.45 -3.21 10.97
N VAL A 46 3.83 -2.58 11.96
CA VAL A 46 3.22 -3.30 13.07
C VAL A 46 1.76 -3.62 12.79
N GLU A 47 1.46 -4.91 12.76
CA GLU A 47 0.09 -5.39 12.58
C GLU A 47 -0.33 -6.12 13.86
N GLY A 48 0.23 -5.70 14.97
CA GLY A 48 0.02 -6.37 16.23
C GLY A 48 1.04 -7.45 16.47
N ASP A 49 0.80 -8.62 15.90
CA ASP A 49 1.73 -9.74 15.96
C ASP A 49 1.93 -10.31 14.57
N GLN A 50 1.55 -9.50 13.61
CA GLN A 50 1.55 -9.88 12.21
C GLN A 50 2.52 -9.00 11.45
N VAL A 51 3.16 -9.56 10.43
CA VAL A 51 4.12 -8.78 9.67
C VAL A 51 3.59 -8.49 8.27
N LYS A 52 3.63 -7.23 7.95
CA LYS A 52 3.10 -6.76 6.70
C LYS A 52 4.05 -5.73 6.08
N LEU A 53 4.07 -5.66 4.77
CA LEU A 53 4.84 -4.64 4.08
C LEU A 53 3.91 -3.51 3.67
N GLY A 54 4.47 -2.36 3.33
CA GLY A 54 3.67 -1.27 2.84
C GLY A 54 4.35 -0.58 1.69
N ILE A 55 3.64 -0.40 0.59
CA ILE A 55 4.20 0.31 -0.54
C ILE A 55 3.82 1.78 -0.47
N ASP A 56 4.81 2.65 -0.42
CA ASP A 56 4.57 4.07 -0.33
C ASP A 56 5.03 4.76 -1.60
N ALA A 57 4.19 5.65 -2.11
CA ALA A 57 4.45 6.31 -3.37
C ALA A 57 4.11 7.78 -3.30
N PRO A 58 4.87 8.63 -4.04
CA PRO A 58 4.65 10.08 -4.08
C PRO A 58 3.37 10.48 -4.83
N LYS A 59 2.40 9.58 -4.83
CA LYS A 59 1.08 9.83 -5.39
C LYS A 59 1.11 9.99 -6.92
N HIS A 60 2.14 9.43 -7.53
CA HIS A 60 2.16 9.29 -8.99
C HIS A 60 1.09 8.27 -9.43
N ILE A 61 1.11 7.92 -10.70
CA ILE A 61 0.20 6.94 -11.25
C ILE A 61 0.80 5.55 -11.14
N ASP A 62 -0.04 4.55 -11.12
CA ASP A 62 0.42 3.18 -11.02
C ASP A 62 0.41 2.50 -12.37
N ILE A 63 1.60 2.26 -12.88
CA ILE A 63 1.79 1.62 -14.18
C ILE A 63 1.60 0.12 -14.02
N HIS A 64 1.15 -0.56 -15.07
CA HIS A 64 0.96 -2.01 -15.01
C HIS A 64 1.42 -2.65 -16.30
N ARG A 65 1.66 -3.95 -16.26
CA ARG A 65 2.06 -4.69 -17.46
C ARG A 65 0.84 -5.06 -18.28
N LYS A 66 0.04 -5.99 -17.76
CA LYS A 66 -1.18 -6.42 -18.43
C LYS A 66 -2.35 -6.41 -17.45
N GLU A 67 -2.32 -7.34 -16.51
CA GLU A 67 -3.43 -7.59 -15.60
C GLU A 67 -3.19 -6.95 -14.23
N ILE A 68 -2.72 -5.69 -14.26
CA ILE A 68 -2.28 -4.94 -13.07
C ILE A 68 -1.34 -5.74 -12.18
N TYR A 69 -0.07 -5.38 -12.22
CA TYR A 69 0.94 -6.10 -11.48
C TYR A 69 1.03 -5.60 -10.03
N LEU A 70 0.32 -4.51 -9.74
CA LEU A 70 0.43 -3.83 -8.46
C LEU A 70 -0.72 -4.19 -7.55
N THR A 71 -1.87 -3.59 -7.81
CA THR A 71 -3.07 -3.80 -7.00
C THR A 71 -2.97 -3.05 -5.67
N ILE A 72 -1.78 -2.99 -5.10
CA ILE A 72 -1.56 -2.37 -3.80
C ILE A 72 -1.98 -0.89 -3.82
N GLN A 73 -1.27 -0.08 -4.60
CA GLN A 73 -1.62 1.34 -4.66
C GLN A 73 -2.72 1.58 -5.68
N GLU A 74 -3.17 0.52 -6.32
CA GLU A 74 -4.29 0.62 -7.24
C GLU A 74 -5.56 0.58 -6.41
N GLU A 75 -5.63 -0.42 -5.54
CA GLU A 75 -6.68 -0.52 -4.55
C GLU A 75 -6.65 0.69 -3.63
N ASN A 76 -5.45 1.13 -3.31
CA ASN A 76 -5.26 2.33 -2.50
C ASN A 76 -5.21 3.57 -3.39
N ASN A 77 -4.01 4.15 -3.52
CA ASN A 77 -3.81 5.42 -4.22
C ASN A 77 -4.47 6.57 -3.44
N ARG A 78 -5.73 6.39 -3.17
CA ARG A 78 -6.60 7.39 -2.58
C ARG A 78 -7.09 6.95 -1.18
N ALA A 79 -7.83 5.86 -1.14
CA ALA A 79 -8.40 5.38 0.11
C ALA A 79 -7.96 3.95 0.42
N ALA A 80 -6.87 3.86 1.16
CA ALA A 80 -6.38 2.59 1.69
C ALA A 80 -7.43 1.88 2.54
N ALA A 81 -7.52 0.55 2.36
CA ALA A 81 -8.41 -0.29 3.15
C ALA A 81 -7.92 -1.72 3.16
N LEU A 82 -7.02 -2.03 4.09
CA LEU A 82 -6.44 -3.37 4.20
C LEU A 82 -6.38 -3.80 5.67
N SER A 83 -5.40 -4.64 6.00
CA SER A 83 -5.14 -5.07 7.37
C SER A 83 -6.21 -6.04 7.88
N SER A 84 -7.39 -5.51 8.19
CA SER A 84 -8.46 -6.31 8.76
C SER A 84 -9.17 -7.12 7.69
N ASP A 85 -9.02 -6.70 6.43
CA ASP A 85 -9.78 -7.28 5.33
C ASP A 85 -11.26 -7.14 5.65
N VAL A 86 -11.76 -5.92 5.49
CA VAL A 86 -13.13 -5.61 5.82
C VAL A 86 -14.04 -5.98 4.65
N ILE A 87 -14.32 -5.01 3.80
CA ILE A 87 -14.99 -5.25 2.54
C ILE A 87 -14.00 -4.96 1.42
N SER A 88 -13.05 -4.08 1.74
CA SER A 88 -11.96 -3.71 0.87
C SER A 88 -12.46 -2.92 -0.34
N ALA A 89 -13.13 -3.59 -1.27
CA ALA A 89 -13.71 -2.89 -2.41
C ALA A 89 -15.04 -2.30 -1.99
N LEU A 90 -15.13 -0.97 -2.05
CA LEU A 90 -16.32 -0.24 -1.60
C LEU A 90 -16.73 -0.68 -0.20
N SER A 91 -15.93 -0.31 0.79
CA SER A 91 -16.18 -0.73 2.16
C SER A 91 -17.30 0.09 2.77
N SER A 92 -17.51 1.29 2.23
CA SER A 92 -18.58 2.16 2.68
C SER A 92 -19.75 2.13 1.71
N GLN A 93 -19.97 0.97 1.09
CA GLN A 93 -21.10 0.78 0.19
C GLN A 93 -22.41 1.11 0.88
N LYS A 94 -23.31 1.70 0.12
CA LYS A 94 -24.60 2.12 0.62
C LYS A 94 -25.49 0.91 0.99
N LYS A 95 -26.33 1.10 1.99
CA LYS A 95 -27.27 0.08 2.40
C LYS A 95 -28.65 0.70 2.51
N HIS A 12 3.72 10.74 12.10
CA HIS A 12 3.34 11.76 13.09
C HIS A 12 3.50 13.16 12.52
N SER A 13 3.27 14.17 13.35
CA SER A 13 3.29 15.56 12.92
C SER A 13 2.10 15.84 12.01
N SER A 14 1.00 16.28 12.61
CA SER A 14 -0.20 16.56 11.86
C SER A 14 -0.11 17.97 11.29
N GLY A 15 -0.89 18.23 10.24
CA GLY A 15 -0.74 19.48 9.52
C GLY A 15 0.34 19.37 8.48
N HIS A 16 0.90 18.17 8.39
CA HIS A 16 1.95 17.86 7.43
C HIS A 16 1.34 17.19 6.21
N ILE A 17 1.57 17.79 5.04
CA ILE A 17 1.03 17.28 3.80
C ILE A 17 1.82 16.06 3.34
N GLU A 18 1.11 15.03 2.91
CA GLU A 18 1.74 13.91 2.26
C GLU A 18 1.13 13.63 0.90
N GLY A 19 1.79 14.13 -0.13
CA GLY A 19 1.46 13.76 -1.49
C GLY A 19 2.11 12.44 -1.85
N ARG A 20 2.31 11.63 -0.83
CA ARG A 20 2.75 10.27 -1.00
C ARG A 20 1.83 9.39 -0.15
N HIS A 21 1.76 8.11 -0.46
CA HIS A 21 0.97 7.20 0.36
C HIS A 21 1.72 5.90 0.60
N MET A 22 1.69 5.45 1.84
CA MET A 22 2.22 4.15 2.19
C MET A 22 1.08 3.16 2.30
N LEU A 23 0.92 2.31 1.29
CA LEU A 23 -0.15 1.33 1.30
C LEU A 23 0.45 -0.02 1.68
N VAL A 24 -0.04 -0.57 2.76
CA VAL A 24 0.51 -1.78 3.32
C VAL A 24 0.01 -3.04 2.62
N LEU A 25 0.96 -3.93 2.34
CA LEU A 25 0.71 -5.23 1.74
C LEU A 25 0.96 -6.28 2.81
N SER A 26 0.05 -7.21 2.99
CA SER A 26 0.19 -8.15 4.08
C SER A 26 1.02 -9.36 3.65
N ARG A 27 2.27 -9.41 4.13
CA ARG A 27 3.17 -10.49 3.77
C ARG A 27 4.06 -10.82 4.95
N LYS A 28 3.94 -12.04 5.45
CA LYS A 28 4.61 -12.43 6.69
C LYS A 28 5.89 -13.19 6.37
N ILE A 29 6.59 -12.74 5.35
CA ILE A 29 7.87 -13.32 4.97
C ILE A 29 8.95 -12.24 5.01
N ASN A 30 8.51 -11.02 5.37
CA ASN A 30 9.36 -9.81 5.39
C ASN A 30 10.27 -9.74 4.15
N GLU A 31 9.74 -10.22 3.03
CA GLU A 31 10.46 -10.15 1.78
C GLU A 31 10.24 -8.80 1.13
N ALA A 32 10.71 -8.65 -0.09
CA ALA A 32 10.55 -7.39 -0.80
C ALA A 32 9.57 -7.57 -1.96
N ILE A 33 8.87 -6.51 -2.30
CA ILE A 33 7.90 -6.58 -3.38
C ILE A 33 8.43 -5.85 -4.62
N GLN A 34 8.68 -6.62 -5.66
CA GLN A 34 9.18 -6.07 -6.92
C GLN A 34 8.15 -6.29 -8.03
N ILE A 35 7.36 -5.27 -8.32
CA ILE A 35 6.33 -5.38 -9.33
C ILE A 35 6.52 -4.40 -10.48
N GLY A 36 6.73 -4.93 -11.68
CA GLY A 36 6.70 -4.16 -12.91
C GLY A 36 7.70 -3.02 -12.97
N ALA A 37 8.72 -3.08 -12.10
CA ALA A 37 9.78 -2.09 -12.07
C ALA A 37 9.28 -0.68 -11.68
N ASP A 38 8.01 -0.56 -11.29
CA ASP A 38 7.49 0.73 -10.85
C ASP A 38 7.59 0.85 -9.33
N ILE A 39 7.35 -0.26 -8.66
CA ILE A 39 7.37 -0.27 -7.21
C ILE A 39 8.25 -1.39 -6.69
N GLU A 40 9.27 -1.02 -5.92
CA GLU A 40 10.14 -1.97 -5.24
C GLU A 40 10.49 -1.45 -3.84
N VAL A 41 10.02 -2.14 -2.80
CA VAL A 41 10.30 -1.71 -1.44
C VAL A 41 9.70 -2.68 -0.42
N LYS A 42 10.35 -2.77 0.74
CA LYS A 42 9.79 -3.46 1.88
C LYS A 42 9.93 -2.59 3.12
N VAL A 43 8.87 -1.87 3.46
CA VAL A 43 8.84 -1.17 4.73
C VAL A 43 7.88 -1.87 5.67
N ILE A 44 8.44 -2.52 6.67
CA ILE A 44 7.68 -3.42 7.51
C ILE A 44 7.03 -2.67 8.67
N ALA A 45 5.74 -2.94 8.86
CA ALA A 45 4.98 -2.31 9.93
C ALA A 45 4.29 -3.37 10.77
N VAL A 46 3.78 -2.96 11.93
CA VAL A 46 3.12 -3.89 12.84
C VAL A 46 1.61 -3.92 12.55
N GLU A 47 1.13 -5.10 12.20
CA GLU A 47 -0.28 -5.31 11.91
C GLU A 47 -0.97 -5.93 13.11
N GLY A 48 -0.33 -5.81 14.25
CA GLY A 48 -0.82 -6.44 15.45
C GLY A 48 -0.38 -7.89 15.53
N ASP A 49 -1.14 -8.76 14.89
CA ASP A 49 -0.82 -10.19 14.87
C ASP A 49 -0.44 -10.62 13.47
N GLN A 50 0.18 -9.71 12.75
CA GLN A 50 0.58 -9.95 11.37
C GLN A 50 1.78 -9.07 11.02
N VAL A 51 2.62 -9.55 10.13
CA VAL A 51 3.72 -8.75 9.63
C VAL A 51 3.44 -8.35 8.18
N LYS A 52 3.45 -7.07 7.92
CA LYS A 52 3.20 -6.60 6.59
C LYS A 52 4.16 -5.48 6.21
N LEU A 53 4.50 -5.40 4.92
CA LEU A 53 5.31 -4.31 4.39
C LEU A 53 4.40 -3.34 3.68
N GLY A 54 4.90 -2.15 3.36
CA GLY A 54 4.08 -1.21 2.63
C GLY A 54 4.76 -0.71 1.39
N ILE A 55 3.98 -0.34 0.38
CA ILE A 55 4.54 0.35 -0.77
C ILE A 55 4.31 1.85 -0.62
N ASP A 56 5.37 2.63 -0.65
CA ASP A 56 5.24 4.07 -0.57
C ASP A 56 5.49 4.69 -1.94
N ALA A 57 4.52 5.45 -2.41
CA ALA A 57 4.60 6.06 -3.72
C ALA A 57 4.12 7.50 -3.66
N PRO A 58 4.75 8.40 -4.44
CA PRO A 58 4.43 9.84 -4.43
C PRO A 58 3.12 10.17 -5.13
N LYS A 59 2.14 9.28 -5.01
CA LYS A 59 0.78 9.50 -5.51
C LYS A 59 0.73 9.61 -7.03
N HIS A 60 1.75 9.07 -7.68
CA HIS A 60 1.74 8.90 -9.12
C HIS A 60 0.59 7.97 -9.52
N ILE A 61 0.43 7.76 -10.81
CA ILE A 61 -0.46 6.73 -11.30
C ILE A 61 0.26 5.41 -11.17
N ASP A 62 -0.46 4.34 -10.98
CA ASP A 62 0.18 3.06 -10.82
C ASP A 62 0.19 2.30 -12.14
N ILE A 63 1.40 2.02 -12.58
CA ILE A 63 1.62 1.38 -13.88
C ILE A 63 1.36 -0.10 -13.75
N HIS A 64 0.86 -0.70 -14.83
CA HIS A 64 0.64 -2.13 -14.84
C HIS A 64 1.08 -2.68 -16.19
N ARG A 65 1.22 -3.99 -16.27
CA ARG A 65 1.78 -4.59 -17.48
C ARG A 65 0.66 -4.95 -18.45
N LYS A 66 -0.20 -5.86 -18.04
CA LYS A 66 -1.42 -6.19 -18.77
C LYS A 66 -2.57 -6.13 -17.78
N GLU A 67 -2.45 -6.94 -16.76
CA GLU A 67 -3.32 -6.87 -15.61
C GLU A 67 -2.59 -6.08 -14.54
N ILE A 68 -3.29 -5.64 -13.50
CA ILE A 68 -2.63 -4.88 -12.46
C ILE A 68 -1.65 -5.76 -11.70
N TYR A 69 -0.39 -5.39 -11.75
CA TYR A 69 0.65 -6.13 -11.07
C TYR A 69 0.89 -5.60 -9.67
N LEU A 70 0.26 -4.47 -9.36
CA LEU A 70 0.49 -3.78 -8.11
C LEU A 70 -0.57 -4.17 -7.11
N THR A 71 -1.77 -3.62 -7.30
CA THR A 71 -2.91 -3.96 -6.47
C THR A 71 -2.78 -3.38 -5.05
N ILE A 72 -1.69 -2.66 -4.83
CA ILE A 72 -1.44 -2.04 -3.54
C ILE A 72 -2.03 -0.64 -3.51
N GLN A 73 -1.42 0.28 -4.26
CA GLN A 73 -1.96 1.63 -4.34
C GLN A 73 -3.14 1.65 -5.29
N GLU A 74 -3.35 0.56 -6.02
CA GLU A 74 -4.51 0.46 -6.89
C GLU A 74 -5.74 0.28 -6.01
N GLU A 75 -5.53 -0.37 -4.88
CA GLU A 75 -6.53 -0.46 -3.84
C GLU A 75 -6.65 0.87 -3.10
N ASN A 76 -5.52 1.55 -2.94
CA ASN A 76 -5.51 2.86 -2.30
C ASN A 76 -5.59 3.98 -3.33
N ASN A 77 -4.43 4.53 -3.67
CA ASN A 77 -4.31 5.67 -4.58
C ASN A 77 -4.87 6.93 -3.90
N ARG A 78 -6.07 6.78 -3.37
CA ARG A 78 -6.78 7.83 -2.67
C ARG A 78 -7.03 7.40 -1.22
N ALA A 79 -7.80 6.32 -1.06
CA ALA A 79 -8.11 5.79 0.25
C ALA A 79 -8.58 4.34 0.14
N ALA A 80 -7.67 3.42 0.39
CA ALA A 80 -7.99 2.00 0.39
C ALA A 80 -8.86 1.64 1.59
N ALA A 81 -9.81 0.73 1.38
CA ALA A 81 -10.70 0.29 2.45
C ALA A 81 -9.91 -0.41 3.55
N LEU A 82 -8.78 -0.98 3.18
CA LEU A 82 -7.90 -1.64 4.12
C LEU A 82 -7.28 -0.63 5.08
N SER A 83 -6.57 0.35 4.51
CA SER A 83 -5.84 1.33 5.30
C SER A 83 -6.75 2.44 5.80
N SER A 84 -8.05 2.30 5.59
CA SER A 84 -9.03 3.21 6.16
C SER A 84 -9.31 2.80 7.60
N ASP A 85 -8.47 1.90 8.10
CA ASP A 85 -8.61 1.32 9.43
C ASP A 85 -10.00 0.76 9.62
N VAL A 86 -10.57 0.33 8.51
CA VAL A 86 -11.87 -0.31 8.53
C VAL A 86 -11.72 -1.70 9.13
N ILE A 87 -10.68 -2.40 8.68
CA ILE A 87 -10.39 -3.75 9.14
C ILE A 87 -8.91 -4.09 8.91
N SER A 88 -8.44 -3.85 7.68
CA SER A 88 -7.10 -4.21 7.24
C SER A 88 -6.83 -5.70 7.50
N ALA A 89 -6.21 -6.02 8.63
CA ALA A 89 -5.95 -7.40 8.99
C ALA A 89 -7.26 -8.14 9.24
N LEU A 90 -7.50 -9.18 8.45
CA LEU A 90 -8.72 -9.98 8.56
C LEU A 90 -9.93 -9.09 8.32
N SER A 91 -10.16 -8.74 7.07
CA SER A 91 -11.22 -7.82 6.70
C SER A 91 -12.59 -8.42 6.97
N SER A 92 -12.69 -9.74 6.84
CA SER A 92 -13.94 -10.43 7.09
C SER A 92 -14.14 -10.63 8.59
N GLN A 93 -13.03 -10.87 9.29
CA GLN A 93 -13.04 -11.17 10.72
C GLN A 93 -13.84 -12.44 11.02
N LYS A 94 -13.14 -13.56 11.09
CA LYS A 94 -13.78 -14.84 11.29
C LYS A 94 -13.90 -15.13 12.79
N LYS A 95 -15.10 -15.06 13.30
CA LYS A 95 -15.35 -15.32 14.70
C LYS A 95 -15.82 -16.76 14.86
#